data_3NO6
#
_entry.id   3NO6
#
_cell.length_a   70.155
_cell.length_b   92.713
_cell.length_c   165.037
_cell.angle_alpha   90.000
_cell.angle_beta   90.000
_cell.angle_gamma   90.000
#
_symmetry.space_group_name_H-M   'P 21 21 21'
#
loop_
_entity.id
_entity.type
_entity.pdbx_description
1 polymer 'Transcriptional activator TenA'
2 non-polymer IMIDAZOLE
3 non-polymer 'ACETATE ION'
4 non-polymer (4S)-2-METHYL-2,4-PENTANEDIOL
5 non-polymer (4R)-2-METHYLPENTANE-2,4-DIOL
6 non-polymer 'SULFATE ION'
7 water water
#
_entity_poly.entity_id   1
_entity_poly.type   'polypeptide(L)'
_entity_poly.pdbx_seq_one_letter_code
;(MSE)GSDKIHHHHHHENLYFQG(MSE)TFSKELREASRPIIDDIYNDGFIQDLLAGKLSNQAVRQYLRADASYLKEFTN
IYA(MSE)LIPK(MSE)SS(MSE)EDVKFLVEQIEF(MSE)LEGEVEAHEVLADFINEPYEEIVKEKVWPPSGDHYIKH
(MSE)YFNAFARENAAFTIAA(MSE)APCPYVYAVIGKRA(MSE)EDPKLNKESVTSKWFQFYSTE(MSE)DELVDVFDQ
L(MSE)DRLTKHCSETEKKEIKENFLQSTIHERHFFN(MSE)AYINEKWEYGGNNNE
;
_entity_poly.pdbx_strand_id   A,B,C,D
#
loop_
_chem_comp.id
_chem_comp.type
_chem_comp.name
_chem_comp.formula
ACT non-polymer 'ACETATE ION' 'C2 H3 O2 -1'
IMD non-polymer IMIDAZOLE 'C3 H5 N2 1'
MPD non-polymer (4S)-2-METHYL-2,4-PENTANEDIOL 'C6 H14 O2'
MRD non-polymer (4R)-2-METHYLPENTANE-2,4-DIOL 'C6 H14 O2'
SO4 non-polymer 'SULFATE ION' 'O4 S -2'
#
# COMPACT_ATOMS: atom_id res chain seq x y z
N HIS A 12 19.84 -17.63 22.41
CA HIS A 12 19.33 -19.04 22.44
C HIS A 12 17.83 -19.05 22.69
N GLU A 13 17.45 -18.47 23.84
CA GLU A 13 16.03 -18.36 24.27
C GLU A 13 15.16 -17.59 23.25
N ASN A 14 15.82 -16.73 22.46
CA ASN A 14 15.21 -16.02 21.35
C ASN A 14 14.88 -17.01 20.20
N LEU A 15 15.83 -17.88 19.83
CA LEU A 15 15.65 -18.84 18.70
C LEU A 15 14.65 -20.00 18.94
N TYR A 16 14.65 -20.58 20.14
CA TYR A 16 13.80 -21.75 20.49
C TYR A 16 12.84 -21.49 21.66
N PHE A 17 11.65 -22.11 21.60
CA PHE A 17 10.62 -22.08 22.66
C PHE A 17 10.19 -23.52 22.88
N GLN A 18 10.39 -24.02 24.12
CA GLN A 18 10.08 -25.40 24.49
C GLN A 18 10.74 -26.40 23.52
N GLY A 19 12.00 -26.14 23.18
CA GLY A 19 12.78 -26.99 22.28
C GLY A 19 12.47 -26.92 20.80
N MSE A 20 11.66 -25.96 20.38
CA MSE A 20 11.19 -25.84 19.00
C MSE A 20 11.55 -24.53 18.34
O MSE A 20 11.48 -23.47 18.98
CB MSE A 20 9.67 -26.01 18.97
CG MSE A 20 9.19 -27.43 19.35
SE MSE A 20 7.21 -27.46 19.24
CE MSE A 20 6.86 -26.36 20.77
N THR A 21 11.89 -24.58 17.06
CA THR A 21 12.07 -23.36 16.28
C THR A 21 10.66 -22.73 16.14
N PHE A 22 10.61 -21.48 15.70
CA PHE A 22 9.32 -20.79 15.47
C PHE A 22 8.44 -21.53 14.46
N SER A 23 9.00 -21.93 13.31
CA SER A 23 8.21 -22.68 12.31
C SER A 23 7.68 -24.01 12.84
N LYS A 24 8.50 -24.70 13.61
CA LYS A 24 8.08 -25.97 14.21
C LYS A 24 6.95 -25.76 15.22
N GLU A 25 7.04 -24.71 16.02
CA GLU A 25 5.98 -24.36 16.98
C GLU A 25 4.66 -24.13 16.24
N LEU A 26 4.72 -23.36 15.14
CA LEU A 26 3.51 -23.12 14.36
C LEU A 26 2.93 -24.41 13.77
N ARG A 27 3.78 -25.20 13.12
CA ARG A 27 3.34 -26.49 12.54
C ARG A 27 2.70 -27.37 13.61
N GLU A 28 3.36 -27.50 14.74
CA GLU A 28 2.79 -28.32 15.83
C GLU A 28 1.45 -27.83 16.35
N ALA A 29 1.33 -26.52 16.50
CA ALA A 29 0.10 -25.93 16.99
C ALA A 29 -1.03 -26.17 16.00
N SER A 30 -0.73 -26.25 14.71
CA SER A 30 -1.73 -26.44 13.68
C SER A 30 -2.18 -27.87 13.54
N ARG A 31 -1.40 -28.84 14.01
CA ARG A 31 -1.75 -30.25 13.76
C ARG A 31 -3.12 -30.74 14.21
N PRO A 32 -3.62 -30.31 15.38
CA PRO A 32 -4.97 -30.71 15.77
C PRO A 32 -6.05 -30.27 14.78
N ILE A 33 -5.87 -29.09 14.16
CA ILE A 33 -6.79 -28.59 13.16
C ILE A 33 -6.68 -29.46 11.89
N ILE A 34 -5.46 -29.85 11.52
CA ILE A 34 -5.23 -30.69 10.32
C ILE A 34 -5.89 -32.06 10.53
N ASP A 35 -5.84 -32.58 11.74
CA ASP A 35 -6.50 -33.86 12.05
CA ASP A 35 -6.55 -33.86 12.11
C ASP A 35 -8.02 -33.73 11.77
N ASP A 36 -8.61 -32.61 12.18
CA ASP A 36 -10.00 -32.32 11.91
C ASP A 36 -10.29 -32.24 10.41
N ILE A 37 -9.42 -31.58 9.65
CA ILE A 37 -9.56 -31.49 8.21
C ILE A 37 -9.56 -32.89 7.59
N TYR A 38 -8.60 -33.71 8.00
CA TYR A 38 -8.44 -35.07 7.45
C TYR A 38 -9.64 -35.95 7.70
N ASN A 39 -10.28 -35.76 8.85
CA ASN A 39 -11.45 -36.54 9.26
C ASN A 39 -12.80 -35.96 8.90
N ASP A 40 -12.80 -34.79 8.25
CA ASP A 40 -14.02 -34.14 7.73
C ASP A 40 -14.46 -34.86 6.43
N GLY A 41 -15.68 -34.54 6.01
CA GLY A 41 -16.32 -35.19 4.88
C GLY A 41 -15.61 -35.06 3.55
N PHE A 42 -15.12 -33.87 3.24
CA PHE A 42 -14.43 -33.69 1.95
C PHE A 42 -13.23 -34.66 1.78
N ILE A 43 -12.30 -34.67 2.71
CA ILE A 43 -11.11 -35.52 2.58
C ILE A 43 -11.47 -37.00 2.76
N GLN A 44 -12.38 -37.30 3.67
CA GLN A 44 -12.78 -38.68 3.87
C GLN A 44 -13.44 -39.25 2.64
N ASP A 45 -14.33 -38.48 2.01
CA ASP A 45 -15.00 -38.95 0.78
C ASP A 45 -14.00 -39.08 -0.37
N LEU A 46 -13.06 -38.14 -0.45
CA LEU A 46 -12.07 -38.15 -1.51
C LEU A 46 -11.13 -39.35 -1.34
N LEU A 47 -10.71 -39.63 -0.10
CA LEU A 47 -9.90 -40.80 0.22
CA LEU A 47 -9.91 -40.82 0.22
C LEU A 47 -10.56 -42.09 -0.34
N ALA A 48 -11.86 -42.23 -0.08
CA ALA A 48 -12.64 -43.37 -0.52
C ALA A 48 -12.98 -43.38 -2.02
N GLY A 49 -12.69 -42.32 -2.76
CA GLY A 49 -13.13 -42.19 -4.16
C GLY A 49 -14.64 -42.00 -4.29
N LYS A 50 -15.27 -41.45 -3.24
CA LYS A 50 -16.73 -41.30 -3.14
C LYS A 50 -17.21 -39.84 -3.07
N LEU A 51 -16.29 -38.90 -3.26
CA LEU A 51 -16.62 -37.50 -3.29
C LEU A 51 -17.53 -37.22 -4.48
N SER A 52 -18.61 -36.49 -4.26
CA SER A 52 -19.57 -36.18 -5.29
C SER A 52 -19.00 -35.34 -6.42
N ASN A 53 -19.53 -35.54 -7.62
CA ASN A 53 -19.10 -34.72 -8.77
C ASN A 53 -19.31 -33.20 -8.50
N GLN A 54 -20.41 -32.88 -7.83
CA GLN A 54 -20.75 -31.51 -7.46
C GLN A 54 -19.69 -30.92 -6.55
N ALA A 55 -19.30 -31.65 -5.51
CA ALA A 55 -18.26 -31.20 -4.61
C ALA A 55 -16.92 -30.98 -5.34
N VAL A 56 -16.60 -31.88 -6.27
CA VAL A 56 -15.37 -31.76 -7.07
C VAL A 56 -15.42 -30.46 -7.88
N ARG A 57 -16.52 -30.21 -8.59
CA ARG A 57 -16.66 -28.99 -9.40
CA ARG A 57 -16.62 -29.00 -9.41
C ARG A 57 -16.57 -27.73 -8.56
N GLN A 58 -17.25 -27.75 -7.42
CA GLN A 58 -17.24 -26.61 -6.48
C GLN A 58 -15.83 -26.32 -5.95
N TYR A 59 -15.10 -27.38 -5.62
CA TYR A 59 -13.73 -27.29 -5.18
C TYR A 59 -12.85 -26.69 -6.30
N LEU A 60 -12.93 -27.28 -7.49
CA LEU A 60 -12.07 -26.83 -8.61
C LEU A 60 -12.31 -25.36 -8.99
N ARG A 61 -13.56 -24.93 -8.99
CA ARG A 61 -13.91 -23.54 -9.32
C ARG A 61 -13.31 -22.58 -8.29
N ALA A 62 -13.50 -22.88 -7.01
CA ALA A 62 -12.98 -22.04 -5.95
C ALA A 62 -11.46 -22.11 -5.87
N ASP A 63 -10.91 -23.30 -6.05
CA ASP A 63 -9.47 -23.48 -5.94
C ASP A 63 -8.73 -22.73 -7.04
N ALA A 64 -9.27 -22.74 -8.25
CA ALA A 64 -8.65 -21.98 -9.37
C ALA A 64 -8.61 -20.47 -9.02
N SER A 65 -9.69 -19.97 -8.44
CA SER A 65 -9.71 -18.55 -8.00
C SER A 65 -8.73 -18.30 -6.89
N TYR A 66 -8.65 -19.21 -5.91
CA TYR A 66 -7.69 -19.05 -4.84
C TYR A 66 -6.24 -19.01 -5.34
N LEU A 67 -5.90 -19.94 -6.26
CA LEU A 67 -4.51 -20.04 -6.75
C LEU A 67 -4.10 -18.82 -7.56
N LYS A 68 -5.05 -18.22 -8.28
CA LYS A 68 -4.79 -16.97 -8.99
C LYS A 68 -4.33 -15.89 -7.99
N GLU A 69 -5.04 -15.78 -6.86
CA GLU A 69 -4.66 -14.78 -5.84
C GLU A 69 -3.38 -15.13 -5.13
N PHE A 70 -3.16 -16.42 -4.86
CA PHE A 70 -1.91 -16.90 -4.26
C PHE A 70 -0.69 -16.43 -5.08
N THR A 71 -0.81 -16.48 -6.40
CA THR A 71 0.20 -16.00 -7.31
C THR A 71 0.48 -14.50 -7.11
N ASN A 72 -0.59 -13.72 -6.96
CA ASN A 72 -0.46 -12.25 -6.72
C ASN A 72 0.23 -11.99 -5.41
N ILE A 73 -0.07 -12.82 -4.39
CA ILE A 73 0.58 -12.71 -3.08
C ILE A 73 2.10 -12.93 -3.21
N TYR A 74 2.52 -13.95 -3.95
CA TYR A 74 3.95 -14.12 -4.22
C TYR A 74 4.59 -12.87 -4.83
N ALA A 75 3.92 -12.23 -5.80
CA ALA A 75 4.44 -11.03 -6.43
C ALA A 75 4.60 -9.90 -5.40
N MSE A 76 3.63 -9.75 -4.52
CA MSE A 76 3.66 -8.74 -3.46
C MSE A 76 4.72 -9.01 -2.41
O MSE A 76 5.16 -8.06 -1.74
CB MSE A 76 2.26 -8.60 -2.82
CG MSE A 76 1.25 -8.06 -3.81
SE MSE A 76 -0.54 -8.07 -3.03
CE MSE A 76 -0.37 -6.73 -1.79
N LEU A 77 5.16 -10.25 -2.25
CA LEU A 77 6.26 -10.56 -1.33
C LEU A 77 7.65 -10.15 -1.88
N ILE A 78 7.81 -10.11 -3.21
CA ILE A 78 9.12 -9.79 -3.81
C ILE A 78 9.80 -8.52 -3.21
N PRO A 79 9.09 -7.39 -3.16
CA PRO A 79 9.72 -6.18 -2.56
C PRO A 79 10.03 -6.28 -1.07
N LYS A 80 9.42 -7.21 -0.36
CA LYS A 80 9.69 -7.40 1.05
C LYS A 80 10.96 -8.19 1.30
N MSE A 81 11.53 -8.84 0.27
CA MSE A 81 12.67 -9.74 0.48
C MSE A 81 13.96 -8.99 0.34
O MSE A 81 14.11 -8.21 -0.60
CB MSE A 81 12.65 -10.91 -0.49
CG MSE A 81 11.32 -11.54 -0.61
SE MSE A 81 10.47 -12.02 1.15
CE MSE A 81 11.57 -13.40 0.78
N SER A 82 14.85 -9.15 1.31
CA SER A 82 16.14 -8.50 1.27
C SER A 82 17.14 -9.26 0.42
N SER A 83 16.98 -10.59 0.34
CA SER A 83 17.88 -11.48 -0.38
C SER A 83 17.44 -11.72 -1.81
N MSE A 84 18.36 -11.53 -2.76
CA MSE A 84 18.09 -11.81 -4.17
C MSE A 84 17.78 -13.30 -4.44
O MSE A 84 17.00 -13.61 -5.35
CB MSE A 84 19.24 -11.28 -5.07
CG MSE A 84 18.90 -11.32 -6.56
SE MSE A 84 17.35 -10.18 -6.95
CE MSE A 84 18.32 -8.66 -7.63
N GLU A 85 18.37 -14.21 -3.67
CA GLU A 85 18.04 -15.64 -3.76
C GLU A 85 16.54 -15.88 -3.42
N ASP A 86 16.02 -15.17 -2.42
CA ASP A 86 14.61 -15.27 -2.04
C ASP A 86 13.71 -14.73 -3.15
N VAL A 87 14.13 -13.62 -3.77
CA VAL A 87 13.38 -13.07 -4.90
C VAL A 87 13.33 -14.11 -6.05
N LYS A 88 14.47 -14.72 -6.35
CA LYS A 88 14.53 -15.74 -7.40
C LYS A 88 13.59 -16.92 -7.12
N PHE A 89 13.53 -17.36 -5.86
CA PHE A 89 12.58 -18.42 -5.45
C PHE A 89 11.13 -18.04 -5.75
N LEU A 90 10.77 -16.81 -5.39
CA LEU A 90 9.40 -16.31 -5.60
C LEU A 90 9.05 -16.21 -7.08
N VAL A 91 9.97 -15.65 -7.87
CA VAL A 91 9.80 -15.56 -9.34
C VAL A 91 9.62 -16.97 -9.96
N GLU A 92 10.43 -17.92 -9.51
CA GLU A 92 10.29 -19.32 -9.97
C GLU A 92 8.89 -19.89 -9.65
N GLN A 93 8.38 -19.57 -8.44
CA GLN A 93 7.07 -20.06 -8.06
C GLN A 93 6.02 -19.45 -8.94
N ILE A 94 6.14 -18.15 -9.22
CA ILE A 94 5.17 -17.47 -10.09
C ILE A 94 5.22 -18.06 -11.50
N GLU A 95 6.42 -18.18 -12.06
CA GLU A 95 6.63 -18.84 -13.39
C GLU A 95 5.92 -20.22 -13.46
N PHE A 96 6.13 -21.06 -12.43
CA PHE A 96 5.48 -22.38 -12.32
C PHE A 96 3.95 -22.28 -12.30
N MSE A 97 3.41 -21.33 -11.54
CA MSE A 97 1.95 -21.09 -11.46
CA MSE A 97 1.95 -21.17 -11.50
C MSE A 97 1.37 -20.71 -12.83
O MSE A 97 0.25 -21.09 -13.18
CB MSE A 97 1.59 -19.97 -10.44
CB MSE A 97 1.55 -20.30 -10.32
CG MSE A 97 2.02 -20.13 -8.96
CG MSE A 97 1.92 -21.01 -9.07
SE MSE A 97 1.32 -21.69 -7.99
SE MSE A 97 1.30 -20.12 -7.56
CE MSE A 97 -0.47 -21.44 -8.64
CE MSE A 97 -0.44 -20.92 -7.46
N LEU A 98 2.13 -19.91 -13.57
CA LEU A 98 1.70 -19.45 -14.89
C LEU A 98 1.75 -20.52 -16.00
N GLU A 99 2.54 -21.59 -15.83
CA GLU A 99 2.60 -22.69 -16.84
C GLU A 99 1.24 -23.34 -17.07
N GLY A 100 0.39 -23.31 -16.05
CA GLY A 100 -1.00 -23.75 -16.17
C GLY A 100 -1.25 -25.02 -15.44
N GLU A 101 -2.55 -25.32 -15.34
CA GLU A 101 -3.19 -26.44 -14.61
C GLU A 101 -2.31 -27.27 -13.67
N VAL A 102 -2.59 -27.17 -12.37
CA VAL A 102 -1.91 -28.04 -11.41
C VAL A 102 -2.40 -29.46 -11.80
N GLU A 103 -1.47 -30.40 -11.88
CA GLU A 103 -1.77 -31.80 -12.20
C GLU A 103 -2.87 -32.40 -11.32
N ALA A 104 -2.94 -31.93 -10.07
CA ALA A 104 -3.96 -32.37 -9.13
C ALA A 104 -5.35 -32.02 -9.63
N HIS A 105 -5.49 -30.85 -10.27
CA HIS A 105 -6.76 -30.45 -10.85
C HIS A 105 -7.17 -31.37 -11.99
N GLU A 106 -6.22 -31.76 -12.83
CA GLU A 106 -6.51 -32.67 -13.93
C GLU A 106 -6.95 -34.04 -13.44
N VAL A 107 -6.40 -34.49 -12.30
CA VAL A 107 -6.80 -35.75 -11.70
C VAL A 107 -8.30 -35.68 -11.31
N LEU A 108 -8.72 -34.61 -10.65
CA LEU A 108 -10.12 -34.49 -10.23
C LEU A 108 -11.07 -34.36 -11.43
N ALA A 109 -10.65 -33.63 -12.48
CA ALA A 109 -11.45 -33.54 -13.72
C ALA A 109 -11.63 -34.92 -14.36
N ASP A 110 -10.56 -35.71 -14.39
CA ASP A 110 -10.61 -37.07 -14.91
C ASP A 110 -11.56 -37.93 -14.06
N PHE A 111 -11.55 -37.75 -12.74
CA PHE A 111 -12.43 -38.50 -11.81
C PHE A 111 -13.90 -38.26 -12.11
N ILE A 112 -14.26 -37.05 -12.53
CA ILE A 112 -15.65 -36.74 -12.88
C ILE A 112 -15.95 -36.82 -14.38
N ASN A 113 -14.98 -37.27 -15.18
CA ASN A 113 -15.17 -37.46 -16.62
C ASN A 113 -15.56 -36.18 -17.36
N GLU A 114 -14.92 -35.08 -17.00
CA GLU A 114 -15.15 -33.78 -17.66
C GLU A 114 -13.85 -33.07 -17.93
N PRO A 115 -13.77 -32.33 -19.06
CA PRO A 115 -12.53 -31.55 -19.30
C PRO A 115 -12.44 -30.41 -18.28
N TYR A 116 -11.25 -30.22 -17.73
CA TYR A 116 -11.02 -29.18 -16.72
C TYR A 116 -11.49 -27.78 -17.19
N GLU A 117 -11.15 -27.41 -18.43
CA GLU A 117 -11.54 -26.11 -19.02
C GLU A 117 -13.06 -25.85 -19.10
N GLU A 118 -13.89 -26.90 -19.11
CA GLU A 118 -15.36 -26.75 -19.06
C GLU A 118 -15.92 -26.64 -17.62
N ILE A 119 -15.11 -27.06 -16.62
CA ILE A 119 -15.52 -27.01 -15.22
C ILE A 119 -15.32 -25.60 -14.67
N VAL A 120 -14.10 -25.09 -14.81
CA VAL A 120 -13.74 -23.77 -14.27
C VAL A 120 -13.85 -22.75 -15.39
N LYS A 121 -14.87 -21.89 -15.31
CA LYS A 121 -15.10 -20.83 -16.31
C LYS A 121 -15.07 -19.39 -15.77
N GLU A 122 -15.36 -19.18 -14.48
CA GLU A 122 -15.40 -17.83 -13.90
C GLU A 122 -14.85 -17.77 -12.48
N LYS A 123 -14.41 -16.57 -12.11
CA LYS A 123 -13.89 -16.26 -10.78
C LYS A 123 -14.99 -16.40 -9.76
N VAL A 124 -14.70 -17.04 -8.63
CA VAL A 124 -15.66 -17.13 -7.53
C VAL A 124 -14.90 -17.16 -6.21
N TRP A 125 -15.30 -16.25 -5.29
CA TRP A 125 -14.80 -16.25 -3.91
C TRP A 125 -16.02 -16.45 -3.00
N PRO A 126 -16.41 -17.73 -2.79
CA PRO A 126 -17.45 -17.98 -1.80
C PRO A 126 -17.02 -17.48 -0.40
N PRO A 127 -17.94 -17.46 0.57
CA PRO A 127 -17.62 -16.84 1.88
C PRO A 127 -16.31 -17.27 2.51
N SER A 128 -16.09 -18.57 2.63
CA SER A 128 -14.84 -19.06 3.24
C SER A 128 -13.59 -18.72 2.42
N GLY A 129 -13.69 -18.77 1.10
CA GLY A 129 -12.58 -18.40 0.22
C GLY A 129 -12.30 -16.90 0.28
N ASP A 130 -13.38 -16.12 0.30
CA ASP A 130 -13.31 -14.66 0.41
C ASP A 130 -12.55 -14.27 1.69
N HIS A 131 -12.87 -14.92 2.80
CA HIS A 131 -12.18 -14.62 4.06
C HIS A 131 -10.68 -14.97 3.97
N TYR A 132 -10.38 -16.16 3.46
CA TYR A 132 -9.01 -16.64 3.34
C TYR A 132 -8.17 -15.70 2.44
N ILE A 133 -8.71 -15.40 1.28
CA ILE A 133 -8.03 -14.51 0.31
C ILE A 133 -7.80 -13.13 0.90
N LYS A 134 -8.83 -12.56 1.56
CA LYS A 134 -8.70 -11.21 2.15
C LYS A 134 -7.73 -11.15 3.34
N HIS A 135 -7.62 -12.27 4.05
CA HIS A 135 -6.61 -12.47 5.13
C HIS A 135 -5.18 -12.43 4.58
N MSE A 136 -4.94 -13.17 3.49
CA MSE A 136 -3.63 -13.15 2.82
C MSE A 136 -3.29 -11.72 2.33
O MSE A 136 -2.19 -11.17 2.61
CB MSE A 136 -3.55 -14.16 1.66
CG MSE A 136 -3.62 -15.58 2.18
SE MSE A 136 -3.13 -16.84 0.76
CE MSE A 136 -4.47 -16.38 -0.57
N TYR A 137 -4.25 -11.11 1.64
CA TYR A 137 -4.08 -9.73 1.17
C TYR A 137 -3.88 -8.71 2.26
N PHE A 138 -4.58 -8.86 3.40
CA PHE A 138 -4.40 -7.90 4.47
C PHE A 138 -2.93 -7.85 4.86
N ASN A 139 -2.36 -9.04 5.10
CA ASN A 139 -0.99 -9.13 5.50
C ASN A 139 -0.02 -8.64 4.45
N ALA A 140 -0.28 -8.96 3.18
CA ALA A 140 0.56 -8.53 2.07
C ALA A 140 0.61 -7.02 1.92
N PHE A 141 -0.54 -6.37 2.12
CA PHE A 141 -0.62 -4.94 2.08
C PHE A 141 -0.12 -4.24 3.36
N ALA A 142 -0.54 -4.75 4.52
CA ALA A 142 -0.34 -4.05 5.79
C ALA A 142 0.95 -4.29 6.55
N ARG A 143 1.58 -5.43 6.35
CA ARG A 143 2.75 -5.83 7.13
CA ARG A 143 2.75 -5.84 7.12
C ARG A 143 4.04 -5.85 6.30
N GLU A 144 5.03 -5.12 6.78
CA GLU A 144 6.31 -4.96 6.14
C GLU A 144 7.16 -6.25 6.16
N ASN A 145 7.18 -6.93 7.30
CA ASN A 145 7.93 -8.16 7.46
C ASN A 145 7.16 -9.25 6.74
N ALA A 146 7.81 -9.85 5.75
CA ALA A 146 7.20 -10.94 4.94
C ALA A 146 6.69 -12.11 5.76
N ALA A 147 7.23 -12.31 6.97
CA ALA A 147 6.75 -13.39 7.84
C ALA A 147 5.24 -13.39 8.09
N PHE A 148 4.65 -12.19 8.20
CA PHE A 148 3.19 -12.11 8.44
C PHE A 148 2.41 -12.72 7.29
N THR A 149 2.85 -12.45 6.06
CA THR A 149 2.19 -12.95 4.85
C THR A 149 2.54 -14.40 4.62
N ILE A 150 3.81 -14.76 4.77
CA ILE A 150 4.20 -16.20 4.66
C ILE A 150 3.39 -17.06 5.62
N ALA A 151 3.21 -16.61 6.87
CA ALA A 151 2.40 -17.31 7.85
C ALA A 151 0.95 -17.50 7.39
N ALA A 152 0.36 -16.48 6.77
CA ALA A 152 -0.99 -16.55 6.22
C ALA A 152 -1.13 -17.49 5.03
N MSE A 153 -0.05 -17.74 4.29
CA MSE A 153 -0.12 -18.59 3.09
C MSE A 153 0.44 -20.00 3.29
O MSE A 153 0.04 -20.91 2.56
CB MSE A 153 0.53 -17.86 1.91
CG MSE A 153 1.97 -17.90 1.81
SE MSE A 153 2.60 -16.46 0.58
CE MSE A 153 1.78 -16.96 -1.07
N ALA A 154 1.35 -20.15 4.24
CA ALA A 154 2.06 -21.44 4.45
C ALA A 154 1.19 -22.64 4.81
N PRO A 155 0.01 -22.44 5.48
CA PRO A 155 -0.82 -23.61 5.71
C PRO A 155 -1.29 -24.29 4.43
N CYS A 156 -1.30 -23.59 3.28
CA CYS A 156 -1.73 -24.19 2.04
C CYS A 156 -0.82 -25.36 1.69
N PRO A 157 0.47 -25.12 1.48
CA PRO A 157 1.31 -26.32 1.18
C PRO A 157 1.45 -27.27 2.36
N TYR A 158 1.47 -26.75 3.59
CA TYR A 158 1.64 -27.60 4.77
C TYR A 158 0.45 -28.57 4.98
N VAL A 159 -0.76 -28.03 4.96
CA VAL A 159 -1.98 -28.85 5.10
C VAL A 159 -2.01 -29.92 4.01
N TYR A 160 -1.76 -29.51 2.77
CA TYR A 160 -1.83 -30.45 1.65
C TYR A 160 -0.76 -31.54 1.75
N ALA A 161 0.46 -31.19 2.17
CA ALA A 161 1.52 -32.16 2.37
C ALA A 161 1.19 -33.19 3.45
N VAL A 162 0.70 -32.68 4.58
CA VAL A 162 0.38 -33.56 5.72
C VAL A 162 -0.73 -34.54 5.31
N ILE A 163 -1.77 -34.02 4.65
CA ILE A 163 -2.89 -34.84 4.16
C ILE A 163 -2.42 -35.91 3.15
N GLY A 164 -1.65 -35.48 2.15
CA GLY A 164 -1.15 -36.38 1.12
C GLY A 164 -0.31 -37.48 1.72
N LYS A 165 0.61 -37.13 2.62
CA LYS A 165 1.48 -38.15 3.22
C LYS A 165 0.69 -39.12 4.10
N ARG A 166 -0.28 -38.59 4.83
CA ARG A 166 -1.13 -39.40 5.71
CA ARG A 166 -1.11 -39.42 5.72
C ARG A 166 -1.96 -40.40 4.89
N ALA A 167 -2.54 -39.90 3.80
CA ALA A 167 -3.35 -40.72 2.90
C ALA A 167 -2.59 -41.87 2.27
N MSE A 168 -1.32 -41.65 1.89
CA MSE A 168 -0.57 -42.70 1.24
CA MSE A 168 -0.45 -42.68 1.31
C MSE A 168 -0.35 -43.92 2.18
O MSE A 168 -0.22 -45.05 1.68
CB MSE A 168 0.70 -42.15 0.59
CB MSE A 168 0.98 -42.17 1.08
CG MSE A 168 0.42 -41.14 -0.57
CG MSE A 168 1.19 -41.28 -0.10
SE MSE A 168 -0.79 -41.68 -1.97
SE MSE A 168 0.41 -42.04 -1.69
CE MSE A 168 0.09 -43.27 -2.59
CE MSE A 168 -1.30 -41.21 -1.46
N GLU A 169 -0.39 -43.73 3.49
CA GLU A 169 -0.23 -44.79 4.48
C GLU A 169 -1.56 -45.31 5.06
N ASP A 170 -2.68 -44.71 4.65
CA ASP A 170 -3.98 -44.98 5.25
C ASP A 170 -4.64 -46.15 4.56
N PRO A 171 -5.01 -47.20 5.33
CA PRO A 171 -5.68 -48.35 4.68
C PRO A 171 -7.05 -48.03 4.03
N LYS A 172 -7.65 -46.89 4.40
CA LYS A 172 -8.91 -46.42 3.81
C LYS A 172 -8.72 -45.77 2.41
N LEU A 173 -7.46 -45.56 1.99
CA LEU A 173 -7.20 -44.99 0.67
C LEU A 173 -7.67 -45.95 -0.41
N ASN A 174 -8.57 -45.47 -1.26
CA ASN A 174 -9.07 -46.24 -2.38
C ASN A 174 -8.05 -46.12 -3.51
N LYS A 175 -7.21 -47.15 -3.65
CA LYS A 175 -6.15 -47.14 -4.69
C LYS A 175 -6.65 -47.45 -6.10
N GLU A 176 -7.89 -47.92 -6.21
CA GLU A 176 -8.52 -48.23 -7.51
C GLU A 176 -9.07 -46.97 -8.18
N SER A 177 -9.33 -45.93 -7.40
CA SER A 177 -9.86 -44.67 -7.90
C SER A 177 -8.71 -43.76 -8.29
N VAL A 178 -8.89 -43.00 -9.38
CA VAL A 178 -7.88 -42.01 -9.83
CA VAL A 178 -7.86 -42.03 -9.82
C VAL A 178 -7.63 -40.92 -8.76
N THR A 179 -8.60 -40.72 -7.86
CA THR A 179 -8.46 -39.81 -6.72
C THR A 179 -7.23 -40.14 -5.85
N SER A 180 -6.79 -41.40 -5.83
CA SER A 180 -5.54 -41.74 -5.09
C SER A 180 -4.34 -40.92 -5.62
N LYS A 181 -4.36 -40.54 -6.92
CA LYS A 181 -3.29 -39.74 -7.53
C LYS A 181 -3.25 -38.31 -7.02
N TRP A 182 -4.41 -37.79 -6.56
CA TRP A 182 -4.48 -36.46 -5.95
C TRP A 182 -3.63 -36.46 -4.66
N PHE A 183 -3.87 -37.46 -3.81
CA PHE A 183 -3.12 -37.57 -2.56
C PHE A 183 -1.64 -37.82 -2.86
N GLN A 184 -1.36 -38.67 -3.84
CA GLN A 184 0.03 -38.97 -4.20
C GLN A 184 0.78 -37.70 -4.62
N PHE A 185 0.13 -36.87 -5.45
CA PHE A 185 0.73 -35.61 -5.88
C PHE A 185 1.12 -34.72 -4.67
N TYR A 186 0.17 -34.51 -3.77
CA TYR A 186 0.41 -33.67 -2.59
C TYR A 186 1.35 -34.28 -1.56
N SER A 187 1.54 -35.60 -1.61
CA SER A 187 2.48 -36.25 -0.68
C SER A 187 3.94 -35.85 -0.92
N THR A 188 4.29 -35.38 -2.13
CA THR A 188 5.67 -34.95 -2.42
C THR A 188 5.82 -33.54 -3.02
N GLU A 189 4.83 -33.08 -3.78
CA GLU A 189 5.02 -31.83 -4.52
C GLU A 189 5.02 -30.54 -3.75
N MSE A 190 4.62 -30.56 -2.47
CA MSE A 190 4.64 -29.38 -1.63
C MSE A 190 5.91 -29.30 -0.77
O MSE A 190 6.09 -28.30 -0.11
CB MSE A 190 3.46 -29.37 -0.67
CG MSE A 190 2.08 -29.48 -1.23
SE MSE A 190 1.66 -28.01 -2.40
CE MSE A 190 2.06 -28.86 -4.10
N ASP A 191 6.74 -30.35 -0.75
CA ASP A 191 7.85 -30.45 0.24
C ASP A 191 8.87 -29.32 0.13
N GLU A 192 9.24 -28.94 -1.09
CA GLU A 192 10.21 -27.83 -1.25
C GLU A 192 9.66 -26.53 -0.70
N LEU A 193 8.41 -26.24 -1.01
CA LEU A 193 7.78 -25.02 -0.56
C LEU A 193 7.59 -24.97 0.95
N VAL A 194 7.20 -26.11 1.55
CA VAL A 194 7.08 -26.19 3.00
C VAL A 194 8.46 -25.87 3.64
N ASP A 195 9.51 -26.47 3.11
CA ASP A 195 10.88 -26.29 3.62
CA ASP A 195 10.87 -26.29 3.63
C ASP A 195 11.32 -24.83 3.50
N VAL A 196 11.09 -24.23 2.34
CA VAL A 196 11.46 -22.84 2.12
C VAL A 196 10.68 -21.89 3.05
N PHE A 197 9.36 -22.06 3.14
CA PHE A 197 8.56 -21.26 4.02
C PHE A 197 8.99 -21.39 5.48
N ASP A 198 9.27 -22.61 5.93
CA ASP A 198 9.77 -22.81 7.31
C ASP A 198 11.10 -22.06 7.56
N GLN A 199 12.04 -22.16 6.62
CA GLN A 199 13.32 -21.48 6.71
C GLN A 199 13.12 -19.95 6.78
N LEU A 200 12.25 -19.43 5.92
CA LEU A 200 11.95 -17.99 5.87
C LEU A 200 11.29 -17.52 7.17
N MSE A 201 10.31 -18.27 7.67
CA MSE A 201 9.66 -17.91 8.96
C MSE A 201 10.67 -17.87 10.11
O MSE A 201 10.66 -16.94 10.90
CB MSE A 201 8.48 -18.85 9.28
CG MSE A 201 7.28 -18.52 8.35
SE MSE A 201 5.62 -19.32 8.92
CE MSE A 201 6.06 -21.22 8.48
N ASP A 202 11.55 -18.87 10.17
CA ASP A 202 12.61 -18.93 11.21
C ASP A 202 13.57 -17.73 11.07
N ARG A 203 14.03 -17.43 9.86
CA ARG A 203 14.97 -16.34 9.61
CA ARG A 203 14.99 -16.34 9.67
C ARG A 203 14.34 -14.96 9.88
N LEU A 204 13.16 -14.76 9.32
CA LEU A 204 12.47 -13.43 9.40
C LEU A 204 11.92 -13.04 10.78
N THR A 205 11.73 -14.02 11.69
CA THR A 205 11.21 -13.76 13.03
C THR A 205 12.30 -13.68 14.11
N LYS A 206 13.57 -13.84 13.74
CA LYS A 206 14.70 -13.80 14.70
C LYS A 206 14.71 -12.61 15.66
N HIS A 207 14.32 -11.45 15.15
CA HIS A 207 14.31 -10.20 15.94
C HIS A 207 12.91 -9.63 16.15
N CYS A 208 11.88 -10.47 16.00
CA CYS A 208 10.51 -10.02 16.21
C CYS A 208 10.23 -10.00 17.71
N SER A 209 9.32 -9.12 18.10
CA SER A 209 8.87 -9.03 19.48
C SER A 209 7.93 -10.18 19.76
N GLU A 210 7.67 -10.44 21.04
CA GLU A 210 6.69 -11.46 21.41
C GLU A 210 5.29 -11.14 20.84
N THR A 211 4.92 -9.85 20.79
CA THR A 211 3.62 -9.44 20.19
C THR A 211 3.55 -9.79 18.69
N GLU A 212 4.60 -9.46 17.95
CA GLU A 212 4.69 -9.80 16.52
C GLU A 212 4.59 -11.32 16.33
N LYS A 213 5.38 -12.07 17.09
CA LYS A 213 5.35 -13.56 17.00
C LYS A 213 3.97 -14.13 17.26
N LYS A 214 3.26 -13.60 18.26
CA LYS A 214 1.91 -14.04 18.56
C LYS A 214 0.98 -13.82 17.34
N GLU A 215 1.07 -12.64 16.73
CA GLU A 215 0.24 -12.31 15.55
CA GLU A 215 0.26 -12.30 15.56
C GLU A 215 0.60 -13.16 14.34
N ILE A 216 1.89 -13.45 14.13
CA ILE A 216 2.34 -14.28 13.01
C ILE A 216 1.82 -15.72 13.25
N LYS A 217 1.95 -16.19 14.48
CA LYS A 217 1.44 -17.54 14.83
C LYS A 217 -0.08 -17.60 14.60
N GLU A 218 -0.83 -16.59 15.06
CA GLU A 218 -2.29 -16.55 14.84
C GLU A 218 -2.62 -16.53 13.36
N ASN A 219 -1.84 -15.80 12.55
CA ASN A 219 -2.04 -15.88 11.09
C ASN A 219 -1.98 -17.30 10.53
N PHE A 220 -1.03 -18.08 11.01
CA PHE A 220 -0.84 -19.45 10.55
C PHE A 220 -2.00 -20.34 11.00
N LEU A 221 -2.38 -20.22 12.27
CA LEU A 221 -3.50 -21.04 12.80
C LEU A 221 -4.80 -20.64 12.15
N GLN A 222 -5.02 -19.34 11.95
CA GLN A 222 -6.23 -18.88 11.22
C GLN A 222 -6.29 -19.47 9.82
N SER A 223 -5.16 -19.43 9.10
CA SER A 223 -5.12 -20.00 7.75
C SER A 223 -5.31 -21.51 7.73
N THR A 224 -4.91 -22.21 8.79
CA THR A 224 -5.14 -23.65 8.87
C THR A 224 -6.67 -23.85 9.03
N ILE A 225 -7.30 -23.03 9.88
CA ILE A 225 -8.79 -23.04 10.01
C ILE A 225 -9.45 -22.69 8.67
N HIS A 226 -8.90 -21.69 7.97
CA HIS A 226 -9.40 -21.36 6.63
C HIS A 226 -9.34 -22.55 5.65
N GLU A 227 -8.26 -23.34 5.73
CA GLU A 227 -8.11 -24.54 4.90
C GLU A 227 -9.22 -25.52 5.21
N ARG A 228 -9.53 -25.70 6.49
CA ARG A 228 -10.65 -26.60 6.89
C ARG A 228 -11.95 -26.10 6.29
N HIS A 229 -12.19 -24.80 6.41
CA HIS A 229 -13.41 -24.19 5.88
C HIS A 229 -13.49 -24.19 4.37
N PHE A 230 -12.35 -24.09 3.69
CA PHE A 230 -12.28 -24.12 2.23
C PHE A 230 -12.72 -25.51 1.72
N PHE A 231 -12.15 -26.57 2.26
CA PHE A 231 -12.59 -27.90 1.88
C PHE A 231 -14.09 -28.09 2.19
N ASN A 232 -14.52 -27.65 3.37
CA ASN A 232 -15.92 -27.82 3.74
C ASN A 232 -16.88 -26.96 2.89
N MSE A 233 -16.41 -25.79 2.48
CA MSE A 233 -17.15 -24.88 1.58
C MSE A 233 -17.50 -25.64 0.28
O MSE A 233 -18.63 -25.57 -0.18
CB MSE A 233 -16.30 -23.66 1.27
CG MSE A 233 -16.72 -22.75 0.15
SE MSE A 233 -15.13 -21.81 -0.45
CE MSE A 233 -14.36 -23.28 -1.48
N ALA A 234 -16.50 -26.29 -0.30
CA ALA A 234 -16.74 -27.10 -1.51
C ALA A 234 -17.68 -28.28 -1.21
N TYR A 235 -17.50 -28.90 -0.05
CA TYR A 235 -18.28 -30.07 0.35
C TYR A 235 -19.77 -29.80 0.43
N ILE A 236 -20.13 -28.65 1.03
CA ILE A 236 -21.52 -28.30 1.30
C ILE A 236 -22.09 -27.26 0.33
N ASN A 237 -21.32 -26.87 -0.68
CA ASN A 237 -21.73 -25.83 -1.63
C ASN A 237 -22.05 -24.47 -0.95
N GLU A 238 -21.15 -24.05 -0.09
CA GLU A 238 -21.29 -22.78 0.62
C GLU A 238 -21.25 -21.69 -0.43
N LYS A 239 -22.16 -20.74 -0.31
CA LYS A 239 -22.21 -19.62 -1.25
C LYS A 239 -22.80 -18.40 -0.58
N TRP A 240 -22.50 -17.22 -1.14
CA TRP A 240 -23.08 -15.98 -0.63
C TRP A 240 -24.59 -16.03 -0.90
N GLU A 241 -25.39 -15.83 0.15
CA GLU A 241 -26.85 -15.90 0.07
C GLU A 241 -27.37 -14.49 0.28
N TYR A 242 -27.57 -13.81 -0.83
CA TYR A 242 -28.04 -12.43 -0.80
C TYR A 242 -29.57 -12.25 -0.69
N GLY A 243 -30.34 -13.34 -0.73
CA GLY A 243 -31.81 -13.28 -0.65
C GLY A 243 -32.34 -13.29 0.78
N GLY A 244 -33.67 -13.26 0.90
CA GLY A 244 -34.34 -13.28 2.21
C GLY A 244 -34.47 -14.68 2.82
N ASN A 245 -35.08 -14.72 4.01
CA ASN A 245 -35.36 -15.97 4.77
C ASN A 245 -34.25 -17.04 4.76
N ASN A 246 -33.07 -16.66 5.24
CA ASN A 246 -31.90 -17.56 5.34
C ASN A 246 -31.77 -18.12 6.76
N MSE B 20 -34.22 3.12 -10.96
CA MSE B 20 -33.69 3.67 -9.66
C MSE B 20 -32.17 3.94 -9.69
O MSE B 20 -31.44 3.40 -10.53
CB MSE B 20 -34.08 2.74 -8.50
CG MSE B 20 -33.35 1.38 -8.42
SE MSE B 20 -34.24 0.16 -7.16
CE MSE B 20 -34.42 1.38 -5.62
N THR B 21 -31.71 4.79 -8.77
CA THR B 21 -30.30 5.15 -8.66
C THR B 21 -29.52 3.96 -8.08
N PHE B 22 -28.20 4.04 -8.23
CA PHE B 22 -27.29 3.00 -7.74
C PHE B 22 -27.41 2.75 -6.23
N SER B 23 -27.30 3.79 -5.42
CA SER B 23 -27.39 3.61 -3.96
C SER B 23 -28.77 3.06 -3.52
N LYS B 24 -29.85 3.47 -4.20
CA LYS B 24 -31.19 2.97 -3.89
C LYS B 24 -31.29 1.46 -4.21
N GLU B 25 -30.71 1.05 -5.34
CA GLU B 25 -30.64 -0.36 -5.77
C GLU B 25 -29.91 -1.20 -4.71
N LEU B 26 -28.79 -0.67 -4.23
CA LEU B 26 -28.02 -1.35 -3.16
C LEU B 26 -28.84 -1.50 -1.88
N ARG B 27 -29.42 -0.38 -1.43
N ARG B 27 -29.42 -0.39 -1.43
CA ARG B 27 -30.26 -0.38 -0.23
CA ARG B 27 -30.24 -0.39 -0.23
C ARG B 27 -31.42 -1.36 -0.35
C ARG B 27 -31.42 -1.37 -0.35
N GLU B 28 -32.15 -1.33 -1.47
CA GLU B 28 -33.30 -2.25 -1.71
C GLU B 28 -32.85 -3.72 -1.73
N ALA B 29 -31.73 -4.02 -2.41
CA ALA B 29 -31.19 -5.39 -2.47
C ALA B 29 -30.81 -5.93 -1.08
N SER B 30 -30.38 -5.04 -0.20
CA SER B 30 -29.98 -5.41 1.15
C SER B 30 -31.12 -5.65 2.11
N ARG B 31 -32.31 -5.10 1.82
CA ARG B 31 -33.41 -5.21 2.81
C ARG B 31 -33.80 -6.63 3.29
N PRO B 32 -33.83 -7.63 2.38
CA PRO B 32 -34.15 -9.00 2.88
C PRO B 32 -33.14 -9.54 3.90
N ILE B 33 -31.87 -9.15 3.74
CA ILE B 33 -30.83 -9.54 4.68
C ILE B 33 -31.10 -8.83 6.03
N ILE B 34 -31.44 -7.55 5.98
CA ILE B 34 -31.74 -6.77 7.19
C ILE B 34 -32.96 -7.38 7.93
N ASP B 35 -33.95 -7.88 7.18
CA ASP B 35 -35.08 -8.55 7.81
C ASP B 35 -34.60 -9.76 8.60
N ASP B 36 -33.63 -10.52 8.06
CA ASP B 36 -33.05 -11.66 8.77
C ASP B 36 -32.31 -11.20 10.03
N ILE B 37 -31.58 -10.09 9.93
CA ILE B 37 -30.89 -9.54 11.12
C ILE B 37 -31.93 -9.20 12.21
N TYR B 38 -33.00 -8.53 11.81
CA TYR B 38 -34.01 -8.06 12.76
C TYR B 38 -34.65 -9.22 13.52
N ASN B 39 -34.82 -10.34 12.81
CA ASN B 39 -35.44 -11.55 13.33
C ASN B 39 -34.50 -12.53 13.98
N ASP B 40 -33.20 -12.23 13.97
CA ASP B 40 -32.19 -13.06 14.69
C ASP B 40 -32.28 -12.80 16.19
N GLY B 41 -31.64 -13.67 16.96
CA GLY B 41 -31.71 -13.65 18.39
C GLY B 41 -31.19 -12.40 19.07
N PHE B 42 -30.09 -11.84 18.57
CA PHE B 42 -29.53 -10.65 19.18
C PHE B 42 -30.55 -9.49 19.19
N ILE B 43 -31.00 -9.09 18.02
CA ILE B 43 -31.94 -7.99 17.92
C ILE B 43 -33.30 -8.34 18.55
N GLN B 44 -33.76 -9.57 18.38
CA GLN B 44 -35.03 -9.99 19.03
C GLN B 44 -34.99 -9.89 20.54
N ASP B 45 -33.93 -10.40 21.14
CA ASP B 45 -33.79 -10.35 22.58
C ASP B 45 -33.59 -8.90 23.04
N LEU B 46 -32.86 -8.11 22.25
CA LEU B 46 -32.62 -6.71 22.63
C LEU B 46 -33.97 -5.93 22.56
N LEU B 47 -34.77 -6.18 21.51
CA LEU B 47 -36.13 -5.58 21.35
C LEU B 47 -36.99 -5.83 22.61
N ALA B 48 -36.93 -7.06 23.10
CA ALA B 48 -37.67 -7.51 24.30
C ALA B 48 -37.06 -7.04 25.64
N GLY B 49 -35.87 -6.45 25.63
CA GLY B 49 -35.17 -6.05 26.83
C GLY B 49 -34.67 -7.24 27.66
N LYS B 50 -34.36 -8.34 26.97
CA LYS B 50 -33.94 -9.59 27.59
C LYS B 50 -32.63 -10.15 27.05
N LEU B 51 -31.83 -9.34 26.34
CA LEU B 51 -30.55 -9.80 25.81
C LEU B 51 -29.60 -10.10 26.98
N SER B 52 -28.89 -11.22 26.90
CA SER B 52 -28.03 -11.68 27.99
C SER B 52 -26.88 -10.71 28.25
N ASN B 53 -26.43 -10.65 29.51
CA ASN B 53 -25.28 -9.80 29.90
C ASN B 53 -24.05 -10.12 29.08
N GLN B 54 -23.82 -11.41 28.89
CA GLN B 54 -22.68 -11.90 28.13
C GLN B 54 -22.76 -11.42 26.66
N ALA B 55 -23.93 -11.50 26.02
CA ALA B 55 -24.06 -11.06 24.63
C ALA B 55 -23.79 -9.55 24.48
N VAL B 56 -24.35 -8.77 25.41
CA VAL B 56 -24.12 -7.32 25.45
C VAL B 56 -22.61 -7.02 25.63
N ARG B 57 -21.98 -7.70 26.57
CA ARG B 57 -20.56 -7.48 26.86
C ARG B 57 -19.69 -7.78 25.63
N GLN B 58 -19.94 -8.92 25.01
CA GLN B 58 -19.15 -9.34 23.86
CA GLN B 58 -19.23 -9.40 23.82
C GLN B 58 -19.41 -8.44 22.65
N TYR B 59 -20.66 -8.01 22.47
CA TYR B 59 -20.99 -7.03 21.44
C TYR B 59 -20.21 -5.70 21.67
N LEU B 60 -20.31 -5.11 22.87
CA LEU B 60 -19.64 -3.82 23.21
C LEU B 60 -18.14 -3.88 23.07
N ARG B 61 -17.55 -5.02 23.44
CA ARG B 61 -16.09 -5.23 23.35
C ARG B 61 -15.66 -5.34 21.89
N ALA B 62 -16.36 -6.18 21.11
CA ALA B 62 -16.08 -6.30 19.68
C ALA B 62 -16.31 -4.97 18.97
N ASP B 63 -17.52 -4.45 19.10
N ASP B 63 -17.18 -4.08 19.48
CA ASP B 63 -17.96 -3.23 18.43
CA ASP B 63 -17.34 -2.68 18.96
C ASP B 63 -16.85 -2.20 18.46
C ASP B 63 -16.26 -1.65 19.41
N ALA B 64 -16.25 -2.02 19.65
N ALA B 64 -15.88 -1.62 20.69
CA ALA B 64 -15.09 -1.12 19.85
CA ALA B 64 -14.84 -0.67 21.13
C ALA B 64 -13.92 -1.43 18.91
C ALA B 64 -13.50 -1.09 20.57
N SER B 65 -13.58 -2.71 18.74
N SER B 65 -13.35 -2.39 20.36
CA SER B 65 -12.48 -3.10 17.82
CA SER B 65 -12.11 -2.94 19.87
C SER B 65 -12.83 -2.77 16.36
C SER B 65 -11.89 -2.67 18.38
N TYR B 66 -14.06 -3.10 15.96
N TYR B 66 -12.96 -2.64 17.59
CA TYR B 66 -14.55 -2.81 14.61
CA TYR B 66 -12.84 -2.36 16.15
C TYR B 66 -14.54 -1.30 14.35
C TYR B 66 -12.83 -0.88 15.78
N LEU B 67 -15.07 -0.54 15.31
N LEU B 67 -13.11 0.01 16.74
CA LEU B 67 -15.15 0.91 15.16
CA LEU B 67 -13.18 1.48 16.49
C LEU B 67 -13.77 1.58 15.03
C LEU B 67 -11.91 2.09 15.89
N LYS B 68 -12.79 1.06 15.75
N LYS B 68 -10.75 1.66 16.38
CA LYS B 68 -11.39 1.53 15.63
CA LYS B 68 -9.46 2.10 15.84
C LYS B 68 -10.91 1.36 14.18
C LYS B 68 -9.38 1.75 14.36
N GLU B 69 -11.21 0.22 13.57
N GLU B 69 -9.69 0.49 14.05
CA GLU B 69 -10.83 -0.01 12.16
CA GLU B 69 -9.59 0.03 12.68
C GLU B 69 -11.66 0.82 11.17
C GLU B 69 -10.59 0.71 11.75
N PHE B 70 -12.95 0.98 11.42
N PHE B 70 -11.80 0.96 12.23
CA PHE B 70 -13.84 1.85 10.58
CA PHE B 70 -12.82 1.65 11.44
C PHE B 70 -13.19 3.27 10.45
C PHE B 70 -12.35 3.05 11.11
N THR B 71 -12.58 3.75 11.55
N THR B 71 -11.97 3.75 12.17
CA THR B 71 -11.81 5.03 11.59
CA THR B 71 -11.43 5.09 12.02
C THR B 71 -10.51 5.00 10.74
C THR B 71 -10.40 5.06 10.90
N ASN B 72 -9.63 3.98 10.87
CA ASN B 72 -8.51 3.82 9.94
C ASN B 72 -8.94 3.78 8.49
N ILE B 73 -10.07 3.12 8.23
CA ILE B 73 -10.60 3.04 6.88
C ILE B 73 -10.95 4.47 6.38
N TYR B 74 -11.67 5.26 7.20
CA TYR B 74 -11.93 6.65 6.81
C TYR B 74 -10.66 7.43 6.44
N ALA B 75 -9.61 7.28 7.23
CA ALA B 75 -8.33 7.93 7.01
C ALA B 75 -7.73 7.50 5.67
N MSE B 76 -7.84 6.21 5.36
CA MSE B 76 -7.33 5.66 4.10
C MSE B 76 -8.12 6.15 2.88
O MSE B 76 -7.57 6.11 1.77
CB MSE B 76 -7.31 4.13 4.15
CG MSE B 76 -6.27 3.62 5.09
SE MSE B 76 -6.41 1.69 5.34
CE MSE B 76 -5.72 1.05 3.73
N LEU B 77 -9.35 6.61 3.06
CA LEU B 77 -10.14 7.19 1.96
C LEU B 77 -9.71 8.62 1.60
N ILE B 78 -9.09 9.34 2.54
CA ILE B 78 -8.71 10.76 2.31
C ILE B 78 -7.90 10.97 1.02
N PRO B 79 -6.81 10.17 0.82
CA PRO B 79 -6.08 10.32 -0.45
C PRO B 79 -6.85 9.96 -1.73
N LYS B 80 -7.95 9.21 -1.63
CA LYS B 80 -8.75 8.81 -2.81
C LYS B 80 -9.69 9.93 -3.26
N MSE B 81 -9.95 10.93 -2.41
CA MSE B 81 -10.88 12.03 -2.72
C MSE B 81 -10.20 13.19 -3.43
O MSE B 81 -9.16 13.68 -3.00
CB MSE B 81 -11.54 12.58 -1.44
CG MSE B 81 -12.16 11.58 -0.53
SE MSE B 81 -13.27 10.23 -1.37
CE MSE B 81 -14.75 11.11 -1.96
N SER B 82 -10.83 13.65 -4.50
CA SER B 82 -10.38 14.79 -5.28
C SER B 82 -11.09 16.07 -4.81
N SER B 83 -12.29 15.94 -4.24
CA SER B 83 -13.09 17.06 -3.79
C SER B 83 -12.77 17.43 -2.35
N MSE B 84 -12.70 18.72 -2.11
CA MSE B 84 -12.41 19.28 -0.80
C MSE B 84 -13.48 19.01 0.26
O MSE B 84 -13.16 18.69 1.41
CB MSE B 84 -12.17 20.81 -0.94
CG MSE B 84 -11.71 21.47 0.32
SE MSE B 84 -10.17 20.48 0.99
CE MSE B 84 -10.34 21.20 2.78
N GLU B 85 -14.75 19.14 -0.16
CA GLU B 85 -15.92 18.85 0.68
C GLU B 85 -15.89 17.39 1.14
N ASP B 86 -15.48 16.48 0.24
CA ASP B 86 -15.42 15.05 0.58
C ASP B 86 -14.33 14.80 1.63
N VAL B 87 -13.17 15.45 1.48
CA VAL B 87 -12.07 15.32 2.46
C VAL B 87 -12.52 15.85 3.84
N LYS B 88 -13.13 17.04 3.88
CA LYS B 88 -13.62 17.59 5.18
C LYS B 88 -14.67 16.68 5.82
N PHE B 89 -15.56 16.09 5.00
CA PHE B 89 -16.50 15.05 5.51
C PHE B 89 -15.78 13.91 6.22
N LEU B 90 -14.75 13.36 5.58
CA LEU B 90 -13.96 12.27 6.16
C LEU B 90 -13.27 12.67 7.47
N VAL B 91 -12.69 13.86 7.48
CA VAL B 91 -12.01 14.37 8.68
C VAL B 91 -13.00 14.60 9.82
N GLU B 92 -14.18 15.16 9.48
CA GLU B 92 -15.26 15.38 10.45
C GLU B 92 -15.72 14.05 11.04
N GLN B 93 -15.81 13.00 10.22
CA GLN B 93 -16.17 11.68 10.71
C GLN B 93 -15.15 11.10 11.68
N ILE B 94 -13.87 11.24 11.35
CA ILE B 94 -12.78 10.76 12.20
C ILE B 94 -12.84 11.46 13.59
N GLU B 95 -13.05 12.78 13.56
CA GLU B 95 -13.19 13.58 14.78
C GLU B 95 -14.38 13.16 15.64
N PHE B 96 -15.53 12.91 14.98
CA PHE B 96 -16.74 12.42 15.66
C PHE B 96 -16.45 11.05 16.32
N MSE B 97 -15.73 10.17 15.63
CA MSE B 97 -15.38 8.82 16.15
CA MSE B 97 -15.46 8.85 16.25
C MSE B 97 -14.37 8.90 17.33
O MSE B 97 -14.40 8.08 18.26
CB MSE B 97 -14.81 7.92 15.02
CB MSE B 97 -15.32 7.74 15.25
CG MSE B 97 -15.46 6.56 14.91
CG MSE B 97 -14.31 7.87 14.25
SE MSE B 97 -17.03 6.66 13.78
SE MSE B 97 -15.16 7.00 12.79
CE MSE B 97 -17.15 4.74 13.40
CE MSE B 97 -15.84 5.46 13.75
N LEU B 98 -13.47 9.88 17.28
CA LEU B 98 -12.45 10.06 18.34
C LEU B 98 -13.04 10.64 19.66
N GLU B 99 -14.17 11.36 19.57
CA GLU B 99 -14.85 11.91 20.77
C GLU B 99 -15.47 10.79 21.61
N GLY B 100 -15.94 9.72 20.94
CA GLY B 100 -16.54 8.55 21.60
C GLY B 100 -17.81 8.89 22.33
N GLU B 101 -18.05 8.21 23.46
CA GLU B 101 -19.22 8.43 24.36
C GLU B 101 -20.59 8.38 23.64
N VAL B 102 -20.76 7.40 22.73
CA VAL B 102 -22.01 7.21 21.94
C VAL B 102 -23.13 6.84 22.91
N GLU B 103 -24.23 7.59 22.90
CA GLU B 103 -25.33 7.37 23.87
C GLU B 103 -25.80 5.90 23.91
N ALA B 104 -25.84 5.25 22.73
CA ALA B 104 -26.27 3.83 22.61
C ALA B 104 -25.38 2.86 23.41
N HIS B 105 -24.07 3.12 23.44
CA HIS B 105 -23.15 2.28 24.24
C HIS B 105 -23.45 2.44 25.73
N GLU B 106 -23.68 3.69 26.17
CA GLU B 106 -24.04 4.01 27.57
C GLU B 106 -25.35 3.31 27.97
N VAL B 107 -26.32 3.24 27.03
CA VAL B 107 -27.58 2.54 27.26
C VAL B 107 -27.29 1.05 27.54
N LEU B 108 -26.49 0.41 26.70
CA LEU B 108 -26.14 -1.03 26.89
C LEU B 108 -25.31 -1.28 28.17
N ALA B 109 -24.39 -0.38 28.47
CA ALA B 109 -23.59 -0.42 29.70
C ALA B 109 -24.49 -0.36 30.96
N ASP B 110 -25.42 0.59 30.96
CA ASP B 110 -26.40 0.74 32.04
C ASP B 110 -27.24 -0.53 32.21
N PHE B 111 -27.70 -1.07 31.08
CA PHE B 111 -28.54 -2.26 31.04
C PHE B 111 -27.92 -3.47 31.75
N ILE B 112 -26.60 -3.66 31.64
CA ILE B 112 -25.90 -4.78 32.29
C ILE B 112 -25.16 -4.42 33.62
N ASN B 113 -25.35 -3.19 34.11
CA ASN B 113 -24.75 -2.69 35.38
C ASN B 113 -23.23 -2.84 35.48
N GLU B 114 -22.56 -2.47 34.39
CA GLU B 114 -21.11 -2.44 34.32
C GLU B 114 -20.78 -1.13 33.61
N PRO B 115 -19.79 -0.34 34.12
CA PRO B 115 -19.44 0.90 33.40
C PRO B 115 -18.79 0.58 32.06
N TYR B 116 -19.06 1.41 31.05
CA TYR B 116 -18.49 1.22 29.70
C TYR B 116 -16.95 1.13 29.70
N GLU B 117 -16.30 1.95 30.53
CA GLU B 117 -14.83 1.96 30.71
C GLU B 117 -14.32 0.58 31.18
N GLU B 118 -15.00 -0.02 32.17
CA GLU B 118 -14.63 -1.35 32.70
C GLU B 118 -14.92 -2.50 31.71
N ILE B 119 -16.03 -2.44 30.99
CA ILE B 119 -16.42 -3.45 29.96
C ILE B 119 -15.41 -3.58 28.81
N VAL B 120 -14.98 -2.42 28.26
CA VAL B 120 -14.08 -2.36 27.08
C VAL B 120 -12.52 -2.44 27.31
N LYS B 121 -12.06 -3.44 28.07
N LYS B 121 -12.16 -2.90 28.52
CA LYS B 121 -10.60 -3.66 28.30
CA LYS B 121 -10.76 -3.10 28.95
C LYS B 121 -9.62 -3.84 27.07
C LYS B 121 -10.25 -4.44 28.38
N GLU B 122 -9.90 -4.73 26.11
N GLU B 122 -11.20 -5.34 28.05
CA GLU B 122 -8.91 -4.97 25.02
CA GLU B 122 -10.93 -6.63 27.43
C GLU B 122 -9.47 -5.27 23.61
C GLU B 122 -11.30 -6.47 25.96
N LYS B 123 -8.56 -5.38 22.65
N LYS B 123 -10.29 -6.55 25.09
CA LYS B 123 -8.90 -5.61 21.25
CA LYS B 123 -10.50 -6.50 23.65
C LYS B 123 -9.26 -7.07 20.90
C LYS B 123 -11.08 -7.85 23.19
N VAL B 124 -10.19 -7.25 19.97
N VAL B 124 -11.93 -7.80 22.18
CA VAL B 124 -10.56 -8.60 19.53
CA VAL B 124 -12.62 -8.97 21.58
C VAL B 124 -11.23 -8.64 18.17
C VAL B 124 -12.53 -8.84 20.05
N TRP B 125 -10.74 -9.54 17.34
N TRP B 125 -11.78 -9.75 19.40
CA TRP B 125 -11.39 -9.77 16.05
CA TRP B 125 -11.51 -9.79 17.94
C TRP B 125 -11.90 -11.21 16.13
C TRP B 125 -11.85 -11.21 17.37
N PRO B 126 -13.09 -11.46 16.86
CA PRO B 126 -13.55 -12.85 16.54
C PRO B 126 -13.65 -13.15 15.04
N PRO B 127 -13.81 -14.43 14.67
CA PRO B 127 -13.79 -14.76 13.21
C PRO B 127 -14.65 -13.90 12.30
N SER B 128 -15.91 -13.67 12.67
CA SER B 128 -16.77 -12.84 11.81
C SER B 128 -16.33 -11.38 11.72
N GLY B 129 -15.77 -10.85 12.81
CA GLY B 129 -15.23 -9.51 12.86
C GLY B 129 -14.00 -9.40 11.98
N ASP B 130 -13.14 -10.42 12.07
CA ASP B 130 -11.91 -10.48 11.28
C ASP B 130 -12.25 -10.45 9.78
N HIS B 131 -13.24 -11.25 9.38
CA HIS B 131 -13.68 -11.25 7.99
C HIS B 131 -14.18 -9.87 7.56
N TYR B 132 -15.07 -9.27 8.36
CA TYR B 132 -15.64 -7.97 8.02
C TYR B 132 -14.56 -6.89 7.89
N ILE B 133 -13.69 -6.80 8.90
CA ILE B 133 -12.62 -5.82 8.93
CA ILE B 133 -12.63 -5.77 8.89
C ILE B 133 -11.65 -5.99 7.71
N LYS B 134 -11.29 -7.25 7.44
CA LYS B 134 -10.38 -7.53 6.31
C LYS B 134 -11.05 -7.25 4.95
N HIS B 135 -12.37 -7.35 4.87
CA HIS B 135 -13.15 -6.93 3.68
C HIS B 135 -13.02 -5.43 3.46
N MSE B 136 -13.19 -4.64 4.53
CA MSE B 136 -13.05 -3.20 4.40
CA MSE B 136 -13.01 -3.18 4.44
C MSE B 136 -11.60 -2.83 4.00
O MSE B 136 -11.39 -2.06 3.04
CB MSE B 136 -13.55 -2.46 5.65
CB MSE B 136 -13.23 -2.46 5.78
CG MSE B 136 -15.07 -2.61 5.84
CG MSE B 136 -14.59 -2.61 6.33
SE MSE B 136 -15.73 -1.58 7.29
SE MSE B 136 -14.84 -1.21 7.63
CE MSE B 136 -14.56 -2.15 8.65
CE MSE B 136 -16.53 -1.90 8.25
N TYR B 137 -10.60 -3.41 4.66
CA TYR B 137 -9.20 -3.14 4.33
C TYR B 137 -8.82 -3.56 2.91
N PHE B 138 -9.36 -4.68 2.44
CA PHE B 138 -9.00 -5.14 1.11
C PHE B 138 -9.35 -4.06 0.11
N ASN B 139 -10.57 -3.55 0.24
CA ASN B 139 -11.00 -2.50 -0.67
C ASN B 139 -10.22 -1.20 -0.52
N ALA B 140 -9.93 -0.83 0.73
CA ALA B 140 -9.20 0.40 0.99
C ALA B 140 -7.78 0.36 0.42
N PHE B 141 -7.14 -0.81 0.45
CA PHE B 141 -5.81 -0.93 -0.12
C PHE B 141 -5.81 -1.13 -1.63
N ALA B 142 -6.71 -1.99 -2.11
CA ALA B 142 -6.68 -2.48 -3.51
C ALA B 142 -7.38 -1.64 -4.56
N ARG B 143 -8.35 -0.80 -4.15
CA ARG B 143 -9.19 -0.04 -5.06
C ARG B 143 -8.98 1.44 -4.93
N GLU B 144 -8.63 2.06 -6.03
CA GLU B 144 -8.39 3.51 -6.08
C GLU B 144 -9.68 4.32 -5.94
N ASN B 145 -10.78 3.83 -6.49
CA ASN B 145 -12.07 4.54 -6.43
C ASN B 145 -12.64 4.26 -5.06
N ALA B 146 -12.91 5.32 -4.29
CA ALA B 146 -13.47 5.22 -2.94
C ALA B 146 -14.79 4.49 -2.85
N ALA B 147 -15.55 4.47 -3.94
CA ALA B 147 -16.86 3.75 -3.96
C ALA B 147 -16.77 2.30 -3.51
N PHE B 148 -15.66 1.61 -3.87
CA PHE B 148 -15.49 0.21 -3.45
C PHE B 148 -15.46 0.04 -1.92
N THR B 149 -14.79 0.96 -1.25
CA THR B 149 -14.65 0.94 0.20
C THR B 149 -15.88 1.50 0.86
N ILE B 150 -16.43 2.58 0.30
CA ILE B 150 -17.64 3.17 0.86
CA ILE B 150 -17.64 3.17 0.86
C ILE B 150 -18.75 2.12 0.88
N ALA B 151 -18.87 1.34 -0.21
CA ALA B 151 -19.90 0.27 -0.29
C ALA B 151 -19.68 -0.79 0.79
N ALA B 152 -18.44 -1.02 1.17
CA ALA B 152 -18.12 -1.98 2.22
C ALA B 152 -18.43 -1.48 3.64
N MSE B 153 -18.46 -0.15 3.82
CA MSE B 153 -18.74 0.43 5.13
CA MSE B 153 -18.74 0.52 5.10
C MSE B 153 -20.17 0.93 5.31
O MSE B 153 -20.68 0.92 6.42
CB MSE B 153 -17.71 1.52 5.43
CB MSE B 153 -17.94 1.84 5.17
CG MSE B 153 -17.94 2.87 4.89
CG MSE B 153 -16.43 1.67 5.10
SE MSE B 153 -16.24 3.78 4.72
SE MSE B 153 -15.56 3.37 4.92
CE MSE B 153 -15.43 3.47 6.46
CE MSE B 153 -15.45 3.82 6.80
N ALA B 154 -20.81 1.35 4.22
CA ALA B 154 -22.17 1.92 4.24
C ALA B 154 -23.28 1.08 4.88
N PRO B 155 -23.21 -0.26 4.76
CA PRO B 155 -24.24 -1.08 5.40
C PRO B 155 -24.29 -0.90 6.91
N CYS B 156 -23.20 -0.50 7.54
CA CYS B 156 -23.25 -0.27 8.98
C CYS B 156 -24.31 0.77 9.41
N PRO B 157 -24.22 2.03 8.97
CA PRO B 157 -25.27 2.94 9.40
C PRO B 157 -26.67 2.62 8.81
N TYR B 158 -26.72 2.05 7.61
CA TYR B 158 -28.04 1.75 6.99
C TYR B 158 -28.76 0.65 7.77
N VAL B 159 -28.03 -0.42 8.09
CA VAL B 159 -28.60 -1.54 8.88
C VAL B 159 -29.13 -1.06 10.21
N TYR B 160 -28.33 -0.28 10.93
CA TYR B 160 -28.75 0.24 12.22
C TYR B 160 -29.97 1.16 12.13
N ALA B 161 -30.01 2.01 11.09
CA ALA B 161 -31.13 2.90 10.88
C ALA B 161 -32.43 2.12 10.63
N VAL B 162 -32.36 1.13 9.76
CA VAL B 162 -33.55 0.31 9.41
C VAL B 162 -34.07 -0.37 10.67
N ILE B 163 -33.15 -0.99 11.43
CA ILE B 163 -33.50 -1.69 12.64
C ILE B 163 -34.15 -0.78 13.67
N GLY B 164 -33.51 0.37 13.93
CA GLY B 164 -34.03 1.32 14.89
C GLY B 164 -35.43 1.80 14.56
N LYS B 165 -35.64 2.15 13.29
CA LYS B 165 -36.94 2.68 12.84
C LYS B 165 -38.03 1.63 12.95
N ARG B 166 -37.69 0.41 12.55
CA ARG B 166 -38.62 -0.71 12.63
C ARG B 166 -39.02 -1.01 14.09
N ALA B 167 -38.03 -1.04 14.98
CA ALA B 167 -38.26 -1.30 16.40
C ALA B 167 -39.22 -0.28 17.02
N MSE B 168 -39.07 0.98 16.65
CA MSE B 168 -39.93 2.05 17.20
C MSE B 168 -41.43 1.87 16.89
O MSE B 168 -42.27 2.33 17.66
CB MSE B 168 -39.44 3.45 16.81
CG MSE B 168 -38.11 3.90 17.42
SE MSE B 168 -37.85 3.46 19.29
CE MSE B 168 -39.25 4.54 19.99
N GLU B 169 -41.75 1.12 15.84
CA GLU B 169 -43.14 0.79 15.48
C GLU B 169 -43.55 -0.65 15.65
N ASP B 170 -42.69 -1.42 16.30
CA ASP B 170 -42.94 -2.81 16.51
C ASP B 170 -43.72 -2.92 17.83
N PRO B 171 -44.94 -3.54 17.80
CA PRO B 171 -45.69 -3.73 19.05
C PRO B 171 -44.93 -4.55 20.13
N LYS B 172 -43.92 -5.32 19.72
CA LYS B 172 -43.09 -6.14 20.64
C LYS B 172 -41.92 -5.38 21.27
N LEU B 173 -41.73 -4.12 20.92
CA LEU B 173 -40.72 -3.29 21.58
C LEU B 173 -41.02 -3.16 23.07
N ASN B 174 -40.05 -3.53 23.92
CA ASN B 174 -40.19 -3.40 25.37
C ASN B 174 -39.80 -1.95 25.69
N LYS B 175 -40.82 -1.11 25.85
CA LYS B 175 -40.63 0.31 26.13
C LYS B 175 -40.28 0.58 27.61
N GLU B 176 -40.48 -0.42 28.47
CA GLU B 176 -40.19 -0.30 29.91
C GLU B 176 -38.72 -0.62 30.25
N SER B 177 -37.94 -1.06 29.26
CA SER B 177 -36.53 -1.35 29.42
C SER B 177 -35.73 -0.22 28.81
N VAL B 178 -34.57 0.07 29.41
CA VAL B 178 -33.65 1.10 28.88
C VAL B 178 -33.12 0.76 27.47
N THR B 179 -33.15 -0.55 27.11
CA THR B 179 -32.79 -1.03 25.77
C THR B 179 -33.62 -0.33 24.66
N SER B 180 -34.84 0.13 24.98
CA SER B 180 -35.67 0.89 24.02
C SER B 180 -34.96 2.13 23.48
N LYS B 181 -34.14 2.78 24.31
CA LYS B 181 -33.37 3.96 23.92
C LYS B 181 -32.25 3.68 22.92
N TRP B 182 -31.77 2.43 22.89
CA TRP B 182 -30.80 2.00 21.91
C TRP B 182 -31.45 2.09 20.50
N PHE B 183 -32.66 1.52 20.37
CA PHE B 183 -33.39 1.57 19.10
C PHE B 183 -33.77 3.03 18.72
N GLN B 184 -34.24 3.79 19.71
CA GLN B 184 -34.59 5.22 19.50
C GLN B 184 -33.40 5.99 18.94
N PHE B 185 -32.23 5.78 19.54
CA PHE B 185 -30.98 6.40 19.06
C PHE B 185 -30.71 6.12 17.55
N TYR B 186 -30.68 4.85 17.18
CA TYR B 186 -30.40 4.47 15.78
C TYR B 186 -31.50 4.82 14.75
N SER B 187 -32.71 5.03 15.25
CA SER B 187 -33.87 5.39 14.42
C SER B 187 -33.70 6.79 13.78
N THR B 188 -32.91 7.65 14.43
CA THR B 188 -32.67 9.03 13.93
C THR B 188 -31.20 9.40 13.68
N GLU B 189 -30.27 8.90 14.51
CA GLU B 189 -28.87 9.39 14.45
C GLU B 189 -27.99 8.91 13.30
N MSE B 190 -28.46 7.96 12.49
CA MSE B 190 -27.70 7.48 11.32
C MSE B 190 -28.06 8.13 9.96
O MSE B 190 -27.33 7.97 8.99
CB MSE B 190 -27.93 5.99 11.15
CG MSE B 190 -27.60 5.09 12.33
SE MSE B 190 -25.73 5.05 12.73
CE MSE B 190 -25.68 6.43 14.09
N ASP B 191 -29.22 8.75 9.90
CA ASP B 191 -29.79 9.25 8.61
C ASP B 191 -28.86 10.19 7.84
N GLU B 192 -28.24 11.13 8.55
CA GLU B 192 -27.31 12.08 7.91
C GLU B 192 -26.13 11.35 7.23
N LEU B 193 -25.54 10.38 7.93
CA LEU B 193 -24.44 9.59 7.37
C LEU B 193 -24.92 8.70 6.22
N VAL B 194 -26.11 8.08 6.35
CA VAL B 194 -26.65 7.25 5.26
C VAL B 194 -26.82 8.11 3.97
N ASP B 195 -27.34 9.33 4.12
CA ASP B 195 -27.56 10.23 2.98
CA ASP B 195 -27.55 10.27 2.99
C ASP B 195 -26.23 10.60 2.28
N VAL B 196 -25.18 10.86 3.08
CA VAL B 196 -23.85 11.19 2.53
C VAL B 196 -23.26 10.01 1.79
N PHE B 197 -23.28 8.82 2.41
CA PHE B 197 -22.78 7.66 1.70
C PHE B 197 -23.54 7.38 0.39
N ASP B 198 -24.87 7.57 0.38
CA ASP B 198 -25.65 7.36 -0.85
C ASP B 198 -25.19 8.35 -1.94
N GLN B 199 -25.06 9.63 -1.57
CA GLN B 199 -24.59 10.69 -2.51
C GLN B 199 -23.19 10.37 -3.08
N LEU B 200 -22.31 9.84 -2.23
CA LEU B 200 -20.95 9.48 -2.66
C LEU B 200 -20.98 8.27 -3.59
N MSE B 201 -21.68 7.21 -3.21
CA MSE B 201 -21.78 6.04 -4.11
C MSE B 201 -22.39 6.39 -5.49
O MSE B 201 -21.90 5.93 -6.53
CB MSE B 201 -22.52 4.89 -3.44
CG MSE B 201 -21.70 4.28 -2.33
SE MSE B 201 -22.54 2.72 -1.63
CE MSE B 201 -24.07 3.39 -0.70
N ASP B 202 -23.43 7.24 -5.48
CA ASP B 202 -24.06 7.69 -6.72
C ASP B 202 -23.10 8.49 -7.60
N ARG B 203 -22.34 9.40 -6.97
CA ARG B 203 -21.40 10.28 -7.65
CA ARG B 203 -21.42 10.28 -7.71
C ARG B 203 -20.12 9.56 -8.10
N LEU B 204 -19.52 8.81 -7.18
CA LEU B 204 -18.26 8.10 -7.49
C LEU B 204 -18.40 6.97 -8.50
N THR B 205 -19.62 6.46 -8.72
CA THR B 205 -19.87 5.38 -9.68
C THR B 205 -20.44 5.79 -11.04
N LYS B 206 -20.58 7.10 -11.31
CA LYS B 206 -21.13 7.61 -12.59
C LYS B 206 -20.42 7.10 -13.86
N HIS B 207 -19.10 7.03 -13.78
CA HIS B 207 -18.25 6.59 -14.88
C HIS B 207 -17.70 5.17 -14.72
N CYS B 208 -18.26 4.38 -13.80
CA CYS B 208 -17.84 3.00 -13.60
C CYS B 208 -18.47 2.07 -14.63
N SER B 209 -17.74 1.02 -14.97
CA SER B 209 -18.25 -0.03 -15.85
C SER B 209 -19.28 -0.90 -15.13
N GLU B 210 -20.03 -1.69 -15.90
CA GLU B 210 -21.01 -2.63 -15.31
C GLU B 210 -20.33 -3.68 -14.38
N THR B 211 -19.12 -4.15 -14.74
CA THR B 211 -18.40 -5.12 -13.89
C THR B 211 -17.96 -4.48 -12.56
N GLU B 212 -17.51 -3.23 -12.61
CA GLU B 212 -17.19 -2.48 -11.39
C GLU B 212 -18.40 -2.27 -10.51
N LYS B 213 -19.51 -1.82 -11.08
CA LYS B 213 -20.74 -1.60 -10.32
C LYS B 213 -21.22 -2.92 -9.66
N LYS B 214 -21.04 -4.05 -10.35
CA LYS B 214 -21.42 -5.36 -9.79
C LYS B 214 -20.58 -5.68 -8.54
N GLU B 215 -19.28 -5.44 -8.64
CA GLU B 215 -18.37 -5.64 -7.52
C GLU B 215 -18.67 -4.72 -6.32
N ILE B 216 -18.99 -3.46 -6.60
CA ILE B 216 -19.34 -2.48 -5.56
C ILE B 216 -20.65 -2.89 -4.88
N LYS B 217 -21.64 -3.30 -5.67
CA LYS B 217 -22.92 -3.82 -5.14
C LYS B 217 -22.70 -5.03 -4.24
N GLU B 218 -21.88 -5.98 -4.72
CA GLU B 218 -21.52 -7.16 -3.93
C GLU B 218 -20.85 -6.78 -2.61
N ASN B 219 -19.99 -5.75 -2.61
CA ASN B 219 -19.35 -5.29 -1.40
C ASN B 219 -20.36 -4.86 -0.36
N PHE B 220 -21.40 -4.16 -0.83
CA PHE B 220 -22.48 -3.68 0.04
C PHE B 220 -23.29 -4.85 0.58
N LEU B 221 -23.68 -5.79 -0.28
CA LEU B 221 -24.45 -6.94 0.16
C LEU B 221 -23.66 -7.80 1.14
N GLN B 222 -22.38 -8.03 0.82
CA GLN B 222 -21.50 -8.79 1.74
C GLN B 222 -21.37 -8.13 3.11
N SER B 223 -21.19 -6.81 3.14
CA SER B 223 -21.14 -6.07 4.41
C SER B 223 -22.43 -6.10 5.18
N THR B 224 -23.57 -6.15 4.48
CA THR B 224 -24.87 -6.32 5.18
C THR B 224 -24.87 -7.73 5.86
N ILE B 225 -24.39 -8.76 5.15
CA ILE B 225 -24.23 -10.12 5.73
C ILE B 225 -23.24 -10.08 6.90
N HIS B 226 -22.14 -9.31 6.77
CA HIS B 226 -21.16 -9.17 7.86
C HIS B 226 -21.78 -8.56 9.12
N GLU B 227 -22.72 -7.63 8.92
CA GLU B 227 -23.47 -7.04 10.02
C GLU B 227 -24.32 -8.07 10.73
N ARG B 228 -25.00 -8.91 9.97
CA ARG B 228 -25.78 -10.02 10.53
C ARG B 228 -24.87 -10.90 11.39
N HIS B 229 -23.73 -11.27 10.79
CA HIS B 229 -22.77 -12.12 11.48
C HIS B 229 -22.12 -11.48 12.69
N PHE B 230 -21.99 -10.15 12.68
CA PHE B 230 -21.42 -9.41 13.77
C PHE B 230 -22.33 -9.44 15.01
N PHE B 231 -23.61 -9.09 14.82
CA PHE B 231 -24.53 -9.24 15.95
C PHE B 231 -24.55 -10.69 16.48
N ASN B 232 -24.60 -11.67 15.57
CA ASN B 232 -24.69 -13.07 15.97
C ASN B 232 -23.43 -13.59 16.64
N MSE B 233 -22.28 -13.11 16.17
CA MSE B 233 -20.96 -13.43 16.80
C MSE B 233 -20.99 -13.09 18.30
O MSE B 233 -20.51 -13.87 19.11
CB MSE B 233 -19.88 -12.68 16.02
CG MSE B 233 -18.52 -12.50 16.53
SE MSE B 233 -17.83 -10.93 15.69
CE MSE B 233 -18.83 -9.85 17.01
N ALA B 234 -21.52 -11.92 18.65
CA ALA B 234 -21.73 -11.54 20.05
C ALA B 234 -22.76 -12.47 20.72
N TYR B 235 -23.83 -12.77 19.99
CA TYR B 235 -24.90 -13.60 20.53
C TYR B 235 -24.47 -15.00 20.92
N ILE B 236 -23.62 -15.61 20.08
CA ILE B 236 -23.17 -17.01 20.30
C ILE B 236 -21.76 -17.15 20.90
N ASN B 237 -21.13 -16.03 21.23
CA ASN B 237 -19.74 -15.99 21.72
C ASN B 237 -18.77 -16.73 20.79
N GLU B 238 -18.85 -16.34 19.52
CA GLU B 238 -18.01 -16.91 18.47
C GLU B 238 -16.56 -16.61 18.81
N LYS B 239 -15.72 -17.64 18.73
CA LYS B 239 -14.29 -17.49 18.97
C LYS B 239 -13.49 -18.29 17.94
N TRP B 240 -12.23 -17.92 17.79
CA TRP B 240 -11.31 -18.70 16.99
C TRP B 240 -10.99 -19.90 17.83
N GLU B 241 -11.25 -21.08 17.26
CA GLU B 241 -11.05 -22.35 17.96
C GLU B 241 -9.79 -22.98 17.42
N TYR B 242 -8.68 -22.61 18.04
CA TYR B 242 -7.37 -23.07 17.63
C TYR B 242 -7.00 -24.47 18.11
N GLY B 243 -7.68 -25.00 19.12
CA GLY B 243 -7.40 -26.35 19.62
C GLY B 243 -8.00 -27.47 18.79
N GLY B 244 -8.82 -27.13 17.78
CA GLY B 244 -9.48 -28.12 16.96
C GLY B 244 -10.62 -28.77 17.73
N ASN B 245 -10.80 -30.09 17.55
CA ASN B 245 -11.86 -30.90 18.20
C ASN B 245 -11.27 -32.23 18.68
N MSE C 20 -2.50 9.68 -34.53
CA MSE C 20 -1.34 9.32 -33.67
C MSE C 20 -1.81 8.61 -32.38
O MSE C 20 -2.70 9.13 -31.67
CB MSE C 20 -0.53 10.56 -33.31
CG MSE C 20 0.73 10.31 -32.50
SE MSE C 20 1.99 11.80 -32.48
CE MSE C 20 0.75 13.20 -31.90
N THR C 21 -1.20 7.48 -32.05
CA THR C 21 -1.56 6.71 -30.85
C THR C 21 -1.06 7.48 -29.61
N PHE C 22 -1.62 7.13 -28.46
CA PHE C 22 -1.22 7.73 -27.19
C PHE C 22 0.26 7.56 -26.94
N SER C 23 0.76 6.34 -27.08
CA SER C 23 2.18 6.09 -26.84
C SER C 23 3.09 6.83 -27.79
N LYS C 24 2.72 6.92 -29.07
CA LYS C 24 3.53 7.66 -30.05
CA LYS C 24 3.55 7.65 -30.04
C LYS C 24 3.57 9.16 -29.69
N GLU C 25 2.45 9.67 -29.19
CA GLU C 25 2.35 11.07 -28.73
C GLU C 25 3.35 11.33 -27.60
N LEU C 26 3.38 10.40 -26.64
CA LEU C 26 4.34 10.51 -25.53
C LEU C 26 5.80 10.53 -26.02
N ARG C 27 6.11 9.59 -26.92
CA ARG C 27 7.46 9.49 -27.43
C ARG C 27 7.87 10.72 -28.21
N GLU C 28 7.00 11.21 -29.09
CA GLU C 28 7.27 12.44 -29.83
C GLU C 28 7.48 13.61 -28.88
N ALA C 29 6.66 13.72 -27.84
CA ALA C 29 6.80 14.82 -26.87
C ALA C 29 8.13 14.74 -26.12
N SER C 30 8.69 13.54 -25.95
CA SER C 30 9.93 13.36 -25.22
C SER C 30 11.19 13.73 -26.02
N ARG C 31 11.05 13.88 -27.33
CA ARG C 31 12.23 14.08 -28.17
C ARG C 31 13.12 15.28 -27.83
N PRO C 32 12.53 16.46 -27.52
CA PRO C 32 13.39 17.59 -27.12
C PRO C 32 14.26 17.33 -25.89
N ILE C 33 13.76 16.51 -24.96
CA ILE C 33 14.50 16.14 -23.77
C ILE C 33 15.66 15.23 -24.18
N ILE C 34 15.36 14.27 -25.05
CA ILE C 34 16.39 13.33 -25.53
C ILE C 34 17.52 14.08 -26.28
N ASP C 35 17.14 15.12 -27.02
CA ASP C 35 18.15 15.98 -27.71
C ASP C 35 19.08 16.64 -26.67
N ASP C 36 18.54 17.12 -25.54
CA ASP C 36 19.32 17.65 -24.41
C ASP C 36 20.26 16.53 -23.87
N ILE C 37 19.74 15.30 -23.69
CA ILE C 37 20.56 14.20 -23.16
C ILE C 37 21.74 13.95 -24.09
N TYR C 38 21.46 13.90 -25.38
CA TYR C 38 22.48 13.57 -26.38
C TYR C 38 23.64 14.59 -26.35
N ASN C 39 23.29 15.86 -26.12
CA ASN C 39 24.26 16.98 -26.08
C ASN C 39 24.93 17.24 -24.73
N ASP C 40 24.51 16.50 -23.70
CA ASP C 40 25.12 16.57 -22.38
C ASP C 40 26.52 15.88 -22.40
N GLY C 41 27.30 16.14 -21.35
CA GLY C 41 28.66 15.65 -21.23
C GLY C 41 28.84 14.14 -21.28
N PHE C 42 27.94 13.38 -20.63
CA PHE C 42 28.08 11.95 -20.61
C PHE C 42 28.04 11.36 -22.01
N ILE C 43 26.95 11.61 -22.74
CA ILE C 43 26.83 11.06 -24.08
C ILE C 43 27.88 11.64 -25.04
N GLN C 44 28.14 12.94 -25.00
CA GLN C 44 29.14 13.54 -25.88
C GLN C 44 30.55 12.97 -25.68
N ASP C 45 30.94 12.79 -24.41
CA ASP C 45 32.26 12.21 -24.12
C ASP C 45 32.27 10.74 -24.53
N LEU C 46 31.17 10.03 -24.31
CA LEU C 46 31.10 8.61 -24.70
C LEU C 46 31.17 8.50 -26.23
N LEU C 47 30.46 9.39 -26.95
CA LEU C 47 30.50 9.42 -28.41
CA LEU C 47 30.52 9.43 -28.43
C LEU C 47 31.97 9.54 -28.92
N ALA C 48 32.73 10.44 -28.29
CA ALA C 48 34.12 10.69 -28.60
C ALA C 48 35.11 9.59 -28.10
N GLY C 49 34.62 8.60 -27.32
CA GLY C 49 35.46 7.53 -26.77
C GLY C 49 36.42 8.05 -25.69
N LYS C 50 35.96 9.06 -24.94
CA LYS C 50 36.77 9.68 -23.90
C LYS C 50 36.07 9.87 -22.54
N LEU C 51 34.89 9.30 -22.35
CA LEU C 51 34.20 9.35 -21.06
C LEU C 51 35.16 8.77 -20.01
N SER C 52 35.30 9.49 -18.90
CA SER C 52 36.29 9.15 -17.87
C SER C 52 35.97 7.78 -17.25
N ASN C 53 37.02 7.16 -16.73
CA ASN C 53 36.87 5.88 -16.07
C ASN C 53 35.93 5.98 -14.90
N GLN C 54 36.05 7.07 -14.13
CA GLN C 54 35.19 7.26 -12.96
C GLN C 54 33.70 7.34 -13.38
N ALA C 55 33.40 8.08 -14.45
CA ALA C 55 32.00 8.23 -14.88
C ALA C 55 31.41 6.89 -15.30
N VAL C 56 32.21 6.12 -16.05
CA VAL C 56 31.79 4.79 -16.48
C VAL C 56 31.50 3.90 -15.26
N ARG C 57 32.40 3.88 -14.28
CA ARG C 57 32.19 3.03 -13.11
C ARG C 57 30.98 3.43 -12.33
N GLN C 58 30.82 4.73 -12.12
CA GLN C 58 29.66 5.21 -11.34
C GLN C 58 28.34 4.90 -12.04
N TYR C 59 28.33 4.99 -13.38
CA TYR C 59 27.18 4.64 -14.21
C TYR C 59 26.82 3.16 -14.08
N LEU C 60 27.82 2.31 -14.28
CA LEU C 60 27.62 0.86 -14.17
C LEU C 60 27.21 0.46 -12.76
N ARG C 61 27.85 1.08 -11.76
CA ARG C 61 27.48 0.77 -10.37
C ARG C 61 26.02 1.17 -10.10
N ALA C 62 25.60 2.34 -10.58
CA ALA C 62 24.21 2.79 -10.35
C ALA C 62 23.20 1.88 -11.05
N ASP C 63 23.52 1.49 -12.28
CA ASP C 63 22.68 0.61 -13.03
C ASP C 63 22.49 -0.72 -12.26
N ALA C 64 23.59 -1.29 -11.80
CA ALA C 64 23.55 -2.52 -11.03
C ALA C 64 22.83 -2.39 -9.70
N SER C 65 22.96 -1.22 -9.07
CA SER C 65 22.36 -0.95 -7.76
C SER C 65 20.85 -0.83 -7.84
N TYR C 66 20.29 -0.28 -8.92
CA TYR C 66 18.82 -0.11 -9.02
C TYR C 66 18.10 -1.34 -9.61
N LEU C 67 18.84 -2.32 -10.11
CA LEU C 67 18.22 -3.54 -10.69
C LEU C 67 17.18 -4.21 -9.77
N LYS C 68 17.51 -4.37 -8.50
CA LYS C 68 16.57 -4.95 -7.53
C LYS C 68 15.32 -4.07 -7.32
N GLU C 69 15.51 -2.74 -7.32
CA GLU C 69 14.40 -1.80 -7.18
C GLU C 69 13.49 -1.86 -8.42
N PHE C 70 14.07 -1.87 -9.61
CA PHE C 70 13.26 -2.05 -10.83
C PHE C 70 12.49 -3.37 -10.83
N THR C 71 13.12 -4.44 -10.34
CA THR C 71 12.46 -5.74 -10.19
C THR C 71 11.22 -5.63 -9.31
N ASN C 72 11.34 -4.87 -8.21
CA ASN C 72 10.21 -4.66 -7.30
C ASN C 72 9.06 -3.97 -8.00
N ILE C 73 9.40 -2.98 -8.84
CA ILE C 73 8.37 -2.21 -9.54
C ILE C 73 7.58 -3.15 -10.48
N TYR C 74 8.29 -3.96 -11.28
CA TYR C 74 7.60 -4.92 -12.14
C TYR C 74 6.75 -5.90 -11.33
N ALA C 75 7.26 -6.43 -10.22
CA ALA C 75 6.50 -7.36 -9.35
C ALA C 75 5.21 -6.73 -8.83
N MSE C 76 5.31 -5.46 -8.44
CA MSE C 76 4.16 -4.72 -7.92
C MSE C 76 3.06 -4.52 -8.93
O MSE C 76 1.88 -4.35 -8.52
CB MSE C 76 4.60 -3.39 -7.32
CG MSE C 76 5.38 -3.55 -6.06
SE MSE C 76 6.30 -1.88 -5.59
CE MSE C 76 4.75 -0.94 -4.96
N LEU C 77 3.40 -4.54 -10.21
CA LEU C 77 2.40 -4.41 -11.27
C LEU C 77 1.67 -5.71 -11.57
N ILE C 78 2.22 -6.87 -11.20
CA ILE C 78 1.56 -8.16 -11.52
C ILE C 78 0.10 -8.22 -11.10
N PRO C 79 -0.23 -7.86 -9.82
CA PRO C 79 -1.65 -7.92 -9.44
C PRO C 79 -2.57 -6.91 -10.14
N LYS C 80 -2.02 -5.88 -10.77
CA LYS C 80 -2.81 -4.86 -11.46
C LYS C 80 -3.22 -5.27 -12.89
N MSE C 81 -2.63 -6.34 -13.43
CA MSE C 81 -2.90 -6.75 -14.81
CA MSE C 81 -2.88 -6.76 -14.82
C MSE C 81 -4.07 -7.71 -14.92
O MSE C 81 -4.12 -8.70 -14.21
CB MSE C 81 -1.66 -7.37 -15.41
CB MSE C 81 -1.65 -7.45 -15.43
CG MSE C 81 -0.44 -6.48 -15.52
CG MSE C 81 -0.32 -6.79 -15.18
SE MSE C 81 -0.76 -4.89 -16.59
SE MSE C 81 -0.40 -4.88 -15.47
CE MSE C 81 1.06 -4.31 -16.64
CE MSE C 81 -0.18 -4.80 -17.36
N SER C 82 -5.00 -7.42 -15.82
CA SER C 82 -6.17 -8.30 -16.04
C SER C 82 -5.83 -9.39 -17.04
N SER C 83 -4.83 -9.14 -17.90
CA SER C 83 -4.41 -10.07 -18.92
C SER C 83 -3.23 -10.93 -18.48
N MSE C 84 -3.35 -12.25 -18.67
CA MSE C 84 -2.29 -13.26 -18.45
CA MSE C 84 -2.24 -13.12 -18.29
C MSE C 84 -1.04 -12.92 -19.26
O MSE C 84 0.10 -13.11 -18.82
CB MSE C 84 -2.75 -14.66 -18.95
CB MSE C 84 -2.69 -14.57 -18.02
CG MSE C 84 -1.64 -15.71 -19.09
CG MSE C 84 -3.70 -14.66 -16.81
SE MSE C 84 -0.62 -16.00 -17.44
SE MSE C 84 -3.20 -13.88 -15.05
CE MSE C 84 -1.74 -17.46 -16.79
CE MSE C 84 -1.91 -15.17 -14.43
N GLU C 85 -1.26 -12.49 -20.51
CA GLU C 85 -0.13 -12.17 -21.39
C GLU C 85 0.67 -10.96 -20.86
N ASP C 86 -0.03 -9.99 -20.23
CA ASP C 86 0.64 -8.84 -19.60
C ASP C 86 1.41 -9.30 -18.35
N VAL C 87 0.81 -10.18 -17.56
CA VAL C 87 1.53 -10.78 -16.41
C VAL C 87 2.79 -11.53 -16.88
N LYS C 88 2.67 -12.35 -17.95
CA LYS C 88 3.83 -13.06 -18.50
C LYS C 88 4.92 -12.09 -18.93
N PHE C 89 4.54 -10.99 -19.56
CA PHE C 89 5.51 -9.94 -19.94
C PHE C 89 6.31 -9.41 -18.74
N LEU C 90 5.59 -9.07 -17.67
CA LEU C 90 6.23 -8.54 -16.48
C LEU C 90 7.21 -9.58 -15.91
N VAL C 91 6.77 -10.83 -15.86
CA VAL C 91 7.62 -11.92 -15.33
C VAL C 91 8.86 -12.12 -16.22
N GLU C 92 8.68 -12.13 -17.53
CA GLU C 92 9.80 -12.24 -18.50
C GLU C 92 10.81 -11.08 -18.35
N GLN C 93 10.32 -9.86 -18.09
CA GLN C 93 11.23 -8.72 -17.81
C GLN C 93 12.03 -8.95 -16.57
N ILE C 94 11.36 -9.42 -15.51
CA ILE C 94 12.07 -9.71 -14.27
C ILE C 94 13.14 -10.78 -14.49
N GLU C 95 12.75 -11.88 -15.14
CA GLU C 95 13.67 -12.96 -15.46
C GLU C 95 14.87 -12.41 -16.23
N PHE C 96 14.63 -11.54 -17.22
CA PHE C 96 15.74 -11.02 -18.02
C PHE C 96 16.70 -10.23 -17.16
N MSE C 97 16.14 -9.41 -16.30
CA MSE C 97 16.94 -8.55 -15.45
CA MSE C 97 16.96 -8.58 -15.43
C MSE C 97 17.78 -9.39 -14.47
O MSE C 97 18.96 -9.11 -14.30
CB MSE C 97 16.04 -7.50 -14.79
CB MSE C 97 16.14 -7.54 -14.67
CG MSE C 97 15.46 -6.52 -15.86
CG MSE C 97 15.72 -6.38 -15.53
SE MSE C 97 13.77 -5.71 -15.32
SE MSE C 97 15.25 -4.97 -14.34
CE MSE C 97 14.39 -5.23 -13.55
CE MSE C 97 13.71 -5.88 -13.55
N LEU C 98 17.17 -10.42 -13.90
CA LEU C 98 17.83 -11.29 -12.94
C LEU C 98 18.81 -12.27 -13.52
N GLU C 99 18.55 -12.81 -14.71
CA GLU C 99 19.41 -13.85 -15.31
C GLU C 99 20.10 -13.51 -16.63
N GLY C 100 19.76 -12.39 -17.22
CA GLY C 100 20.32 -11.99 -18.51
C GLY C 100 21.55 -11.12 -18.32
N GLU C 101 22.25 -10.91 -19.41
CA GLU C 101 23.47 -10.07 -19.41
C GLU C 101 23.27 -9.04 -20.53
N VAL C 102 23.70 -7.80 -20.28
CA VAL C 102 23.56 -6.72 -21.23
C VAL C 102 24.95 -6.52 -21.80
N GLU C 103 25.12 -6.87 -23.08
CA GLU C 103 26.40 -6.77 -23.73
C GLU C 103 26.99 -5.36 -23.66
N ALA C 104 26.14 -4.34 -23.72
CA ALA C 104 26.63 -2.94 -23.60
C ALA C 104 27.43 -2.72 -22.29
N HIS C 105 27.09 -3.46 -21.23
CA HIS C 105 27.88 -3.34 -19.97
C HIS C 105 29.27 -3.85 -20.12
N GLU C 106 29.42 -4.97 -20.83
CA GLU C 106 30.72 -5.52 -21.10
C GLU C 106 31.54 -4.59 -21.99
N VAL C 107 30.90 -3.85 -22.88
CA VAL C 107 31.61 -2.92 -23.77
C VAL C 107 32.23 -1.80 -22.92
N LEU C 108 31.47 -1.26 -21.97
CA LEU C 108 31.97 -0.19 -21.11
C LEU C 108 33.08 -0.72 -20.20
N ALA C 109 32.91 -1.93 -19.67
CA ALA C 109 33.94 -2.58 -18.86
C ALA C 109 35.24 -2.78 -19.64
N ASP C 110 35.12 -3.20 -20.91
CA ASP C 110 36.26 -3.36 -21.80
C ASP C 110 36.92 -2.02 -22.07
N PHE C 111 36.10 -1.00 -22.32
CA PHE C 111 36.60 0.36 -22.57
C PHE C 111 37.55 0.89 -21.48
N ILE C 112 37.17 0.66 -20.22
CA ILE C 112 37.99 1.13 -19.09
C ILE C 112 38.99 0.06 -18.59
N ASN C 113 39.04 -1.13 -19.24
CA ASN C 113 39.96 -2.24 -18.89
CA ASN C 113 39.97 -2.22 -18.88
C ASN C 113 39.79 -2.74 -17.46
N GLU C 114 38.54 -2.89 -17.02
CA GLU C 114 38.20 -3.37 -15.68
CA GLU C 114 38.22 -3.41 -15.69
C GLU C 114 37.12 -4.44 -15.83
N PRO C 115 37.20 -5.58 -15.10
CA PRO C 115 36.12 -6.55 -15.26
C PRO C 115 34.79 -6.03 -14.72
N TYR C 116 33.69 -6.29 -15.43
CA TYR C 116 32.36 -5.82 -15.01
C TYR C 116 32.04 -6.25 -13.57
N GLU C 117 32.32 -7.52 -13.24
CA GLU C 117 32.01 -8.08 -11.91
C GLU C 117 32.76 -7.30 -10.80
N GLU C 118 33.98 -6.84 -11.09
CA GLU C 118 34.80 -6.03 -10.15
CA GLU C 118 34.77 -6.06 -10.14
C GLU C 118 34.19 -4.64 -9.98
N ILE C 119 33.79 -4.01 -11.09
CA ILE C 119 33.24 -2.66 -11.06
C ILE C 119 32.02 -2.57 -10.15
N VAL C 120 31.12 -3.54 -10.27
CA VAL C 120 29.84 -3.52 -9.55
C VAL C 120 29.82 -4.09 -8.12
N LYS C 121 31.00 -4.34 -7.54
CA LYS C 121 31.08 -4.79 -6.15
C LYS C 121 30.58 -3.70 -5.18
N GLU C 122 30.74 -2.44 -5.56
CA GLU C 122 30.28 -1.32 -4.74
C GLU C 122 28.95 -0.78 -5.29
N LYS C 123 28.00 -0.56 -4.38
CA LYS C 123 26.68 -0.01 -4.71
C LYS C 123 26.76 1.51 -4.66
N VAL C 124 25.89 2.16 -5.42
CA VAL C 124 25.85 3.63 -5.58
C VAL C 124 24.37 4.03 -5.67
N TRP C 125 23.91 4.94 -4.81
CA TRP C 125 22.50 5.40 -4.78
CA TRP C 125 22.54 5.39 -4.70
C TRP C 125 22.47 6.93 -4.69
N PRO C 126 22.67 7.59 -5.85
CA PRO C 126 22.74 9.05 -5.78
C PRO C 126 21.38 9.73 -5.64
N PRO C 127 21.38 11.00 -5.23
CA PRO C 127 20.13 11.77 -5.09
C PRO C 127 19.18 11.70 -6.30
N SER C 128 19.74 11.81 -7.51
CA SER C 128 18.92 11.76 -8.73
C SER C 128 18.29 10.38 -8.92
N GLY C 129 19.02 9.32 -8.52
CA GLY C 129 18.48 7.96 -8.53
C GLY C 129 17.36 7.77 -7.50
N ASP C 130 17.52 8.35 -6.31
CA ASP C 130 16.49 8.32 -5.27
C ASP C 130 15.17 8.94 -5.82
N HIS C 131 15.30 10.08 -6.50
CA HIS C 131 14.14 10.78 -7.10
C HIS C 131 13.45 9.86 -8.11
N TYR C 132 14.25 9.33 -9.02
CA TYR C 132 13.75 8.47 -10.09
C TYR C 132 13.01 7.25 -9.55
N ILE C 133 13.65 6.52 -8.65
CA ILE C 133 13.04 5.32 -8.12
C ILE C 133 11.77 5.64 -7.29
N LYS C 134 11.78 6.74 -6.53
CA LYS C 134 10.60 7.16 -5.73
C LYS C 134 9.43 7.58 -6.61
N HIS C 135 9.73 8.11 -7.81
CA HIS C 135 8.69 8.38 -8.84
C HIS C 135 8.06 7.07 -9.32
N MSE C 136 8.88 6.05 -9.60
CA MSE C 136 8.33 4.73 -10.01
C MSE C 136 7.47 4.12 -8.88
O MSE C 136 6.35 3.65 -9.11
CB MSE C 136 9.44 3.76 -10.45
CG MSE C 136 10.16 4.24 -11.68
SE MSE C 136 11.28 2.75 -12.23
CE MSE C 136 12.17 3.63 -13.66
N TYR C 137 8.02 4.11 -7.67
CA TYR C 137 7.30 3.56 -6.51
C TYR C 137 6.00 4.30 -6.23
N PHE C 138 6.02 5.63 -6.35
CA PHE C 138 4.82 6.38 -6.11
C PHE C 138 3.64 5.85 -6.97
N ASN C 139 3.93 5.69 -8.25
CA ASN C 139 2.96 5.18 -9.18
C ASN C 139 2.54 3.75 -8.93
N ALA C 140 3.52 2.91 -8.61
CA ALA C 140 3.23 1.47 -8.33
C ALA C 140 2.30 1.30 -7.11
N PHE C 141 2.52 2.13 -6.10
CA PHE C 141 1.68 2.12 -4.89
C PHE C 141 0.32 2.78 -5.03
N ALA C 142 0.32 3.96 -5.65
CA ALA C 142 -0.86 4.85 -5.65
C ALA C 142 -1.89 4.69 -6.73
N ARG C 143 -1.47 4.19 -7.89
CA ARG C 143 -2.33 4.11 -9.06
CA ARG C 143 -2.34 4.13 -9.05
C ARG C 143 -2.70 2.68 -9.39
N GLU C 144 -4.00 2.39 -9.41
CA GLU C 144 -4.47 1.04 -9.71
C GLU C 144 -4.21 0.58 -11.15
N ASN C 145 -4.30 1.52 -12.08
CA ASN C 145 -4.04 1.24 -13.50
C ASN C 145 -2.53 1.22 -13.68
N ALA C 146 -2.01 0.07 -14.13
CA ALA C 146 -0.58 -0.09 -14.36
C ALA C 146 0.03 0.91 -15.33
N ALA C 147 -0.78 1.51 -16.19
CA ALA C 147 -0.27 2.51 -17.15
C ALA C 147 0.50 3.65 -16.49
N PHE C 148 0.09 4.05 -15.29
CA PHE C 148 0.79 5.17 -14.63
C PHE C 148 2.24 4.83 -14.36
N THR C 149 2.49 3.57 -14.01
CA THR C 149 3.87 3.10 -13.68
C THR C 149 4.57 2.73 -14.96
N ILE C 150 3.90 2.03 -15.88
CA ILE C 150 4.51 1.76 -17.19
C ILE C 150 5.05 3.04 -17.83
N ALA C 151 4.28 4.13 -17.81
CA ALA C 151 4.75 5.42 -18.39
C ALA C 151 5.99 5.96 -17.69
N ALA C 152 6.16 5.63 -16.41
CA ALA C 152 7.36 6.02 -15.63
C ALA C 152 8.61 5.18 -15.96
N MSE C 153 8.41 4.00 -16.54
CA MSE C 153 9.47 3.04 -16.91
CA MSE C 153 9.49 3.07 -16.90
C MSE C 153 9.83 3.09 -18.39
O MSE C 153 11.01 2.91 -18.77
CB MSE C 153 9.01 1.58 -16.60
CB MSE C 153 9.12 1.66 -16.44
CG MSE C 153 8.39 1.38 -15.24
CG MSE C 153 9.32 1.40 -14.96
SE MSE C 153 7.85 -0.45 -14.88
SE MSE C 153 8.77 -0.43 -14.61
CE MSE C 153 9.68 -0.87 -14.20
CE MSE C 153 8.58 -0.94 -16.44
N ALA C 154 8.82 3.34 -19.22
CA ALA C 154 8.98 3.24 -20.69
C ALA C 154 9.99 4.17 -21.37
N PRO C 155 10.26 5.36 -20.80
CA PRO C 155 11.23 6.23 -21.47
C PRO C 155 12.61 5.64 -21.64
N CYS C 156 13.07 4.83 -20.69
CA CYS C 156 14.41 4.29 -20.73
C CYS C 156 14.78 3.65 -22.07
N PRO C 157 14.02 2.63 -22.50
CA PRO C 157 14.44 2.05 -23.77
C PRO C 157 14.36 2.98 -24.96
N TYR C 158 13.39 3.88 -25.00
CA TYR C 158 13.28 4.82 -26.10
C TYR C 158 14.44 5.84 -26.10
N VAL C 159 14.80 6.33 -24.93
CA VAL C 159 15.93 7.26 -24.81
C VAL C 159 17.19 6.60 -25.41
N TYR C 160 17.45 5.36 -24.99
CA TYR C 160 18.64 4.63 -25.47
C TYR C 160 18.57 4.34 -26.98
N ALA C 161 17.39 3.99 -27.50
CA ALA C 161 17.23 3.74 -28.94
C ALA C 161 17.49 4.97 -29.76
N VAL C 162 16.92 6.09 -29.34
CA VAL C 162 17.10 7.34 -30.09
C VAL C 162 18.58 7.73 -30.10
N ILE C 163 19.22 7.68 -28.93
CA ILE C 163 20.64 8.00 -28.76
C ILE C 163 21.49 7.10 -29.64
N GLY C 164 21.24 5.79 -29.58
CA GLY C 164 21.99 4.83 -30.39
C GLY C 164 21.88 5.10 -31.88
N LYS C 165 20.67 5.29 -32.36
CA LYS C 165 20.47 5.51 -33.79
CA LYS C 165 20.44 5.54 -33.79
C LYS C 165 21.11 6.83 -34.25
N ARG C 166 20.98 7.88 -33.44
CA ARG C 166 21.55 9.19 -33.76
C ARG C 166 23.10 9.13 -33.85
N ALA C 167 23.71 8.44 -32.87
CA ALA C 167 25.14 8.22 -32.82
C ALA C 167 25.66 7.55 -34.08
N MSE C 168 24.94 6.54 -34.57
CA MSE C 168 25.36 5.80 -35.76
C MSE C 168 25.45 6.67 -37.02
O MSE C 168 26.17 6.32 -37.93
CB MSE C 168 24.53 4.55 -36.05
CG MSE C 168 24.65 3.40 -35.05
SE MSE C 168 26.35 3.07 -34.24
CE MSE C 168 27.31 2.41 -35.75
N GLU C 169 24.72 7.79 -37.06
CA GLU C 169 24.76 8.73 -38.21
C GLU C 169 25.59 9.98 -37.94
N ASP C 170 26.16 10.08 -36.73
CA ASP C 170 26.84 11.29 -36.31
C ASP C 170 28.29 11.22 -36.70
N PRO C 171 28.81 12.19 -37.51
CA PRO C 171 30.25 12.18 -37.84
C PRO C 171 31.20 12.28 -36.64
N LYS C 172 30.72 12.82 -35.51
CA LYS C 172 31.53 12.92 -34.31
C LYS C 172 31.72 11.59 -33.60
N LEU C 173 30.98 10.54 -34.01
CA LEU C 173 31.16 9.20 -33.43
C LEU C 173 32.59 8.71 -33.64
N ASN C 174 33.26 8.36 -32.54
CA ASN C 174 34.59 7.75 -32.62
C ASN C 174 34.38 6.27 -32.95
N LYS C 175 34.52 5.92 -34.23
CA LYS C 175 34.35 4.52 -34.69
C LYS C 175 35.52 3.60 -34.34
N GLU C 176 36.67 4.15 -33.96
CA GLU C 176 37.86 3.37 -33.61
C GLU C 176 37.83 2.92 -32.16
N SER C 177 37.01 3.56 -31.32
CA SER C 177 36.90 3.19 -29.91
C SER C 177 35.87 2.11 -29.77
N VAL C 178 36.08 1.22 -28.80
CA VAL C 178 35.11 0.14 -28.55
CA VAL C 178 35.13 0.14 -28.49
C VAL C 178 33.75 0.71 -28.09
N THR C 179 33.73 1.95 -27.59
CA THR C 179 32.48 2.64 -27.22
C THR C 179 31.49 2.78 -28.40
N SER C 180 31.97 2.78 -29.66
CA SER C 180 31.04 2.75 -30.79
C SER C 180 30.04 1.53 -30.72
N LYS C 181 30.50 0.42 -30.18
CA LYS C 181 29.66 -0.79 -29.99
C LYS C 181 28.55 -0.62 -28.96
N TRP C 182 28.69 0.35 -28.04
CA TRP C 182 27.68 0.64 -27.05
C TRP C 182 26.50 1.31 -27.77
N PHE C 183 26.81 2.30 -28.59
CA PHE C 183 25.79 2.97 -29.40
C PHE C 183 25.15 2.01 -30.39
N GLN C 184 25.97 1.17 -31.01
CA GLN C 184 25.46 0.19 -31.98
C GLN C 184 24.45 -0.75 -31.33
N PHE C 185 24.78 -1.24 -30.14
CA PHE C 185 23.90 -2.11 -29.35
C PHE C 185 22.54 -1.46 -29.14
N TYR C 186 22.54 -0.26 -28.57
CA TYR C 186 21.31 0.46 -28.28
C TYR C 186 20.53 0.90 -29.51
N SER C 187 21.19 1.02 -30.65
CA SER C 187 20.52 1.46 -31.88
C SER C 187 19.47 0.45 -32.36
N THR C 188 19.61 -0.83 -31.99
CA THR C 188 18.62 -1.85 -32.36
C THR C 188 18.04 -2.71 -31.23
N GLU C 189 18.70 -2.80 -30.08
CA GLU C 189 18.28 -3.76 -29.05
C GLU C 189 17.13 -3.36 -28.15
N MSE C 190 16.71 -2.09 -28.23
CA MSE C 190 15.62 -1.56 -27.43
C MSE C 190 14.28 -1.52 -28.17
O MSE C 190 13.24 -1.39 -27.50
CB MSE C 190 15.93 -0.12 -27.01
CG MSE C 190 17.25 0.07 -26.22
SE MSE C 190 17.18 -0.73 -24.51
CE MSE C 190 18.15 -2.32 -24.85
N ASP C 191 14.30 -1.61 -29.51
CA ASP C 191 13.10 -1.38 -30.33
C ASP C 191 11.92 -2.28 -30.01
N GLU C 192 12.20 -3.52 -29.67
CA GLU C 192 11.12 -4.48 -29.37
C GLU C 192 10.46 -4.12 -28.04
N LEU C 193 11.25 -3.76 -27.04
CA LEU C 193 10.71 -3.33 -25.77
C LEU C 193 9.92 -2.03 -25.94
N VAL C 194 10.44 -1.09 -26.74
CA VAL C 194 9.71 0.16 -27.00
C VAL C 194 8.31 -0.17 -27.53
N ASP C 195 8.25 -1.09 -28.50
CA ASP C 195 6.96 -1.50 -29.07
C ASP C 195 6.04 -2.17 -28.06
N VAL C 196 6.56 -3.06 -27.23
CA VAL C 196 5.78 -3.71 -26.21
C VAL C 196 5.18 -2.67 -25.25
N PHE C 197 6.01 -1.75 -24.78
CA PHE C 197 5.50 -0.68 -23.92
C PHE C 197 4.46 0.19 -24.64
N ASP C 198 4.63 0.45 -25.93
CA ASP C 198 3.65 1.23 -26.70
C ASP C 198 2.30 0.57 -26.65
N GLN C 199 2.27 -0.73 -26.93
CA GLN C 199 1.02 -1.44 -27.05
C GLN C 199 0.35 -1.57 -25.69
N LEU C 200 1.16 -1.75 -24.65
CA LEU C 200 0.65 -1.85 -23.29
C LEU C 200 0.02 -0.50 -22.87
N MSE C 201 0.73 0.61 -23.08
CA MSE C 201 0.18 1.93 -22.75
C MSE C 201 -1.06 2.25 -23.55
O MSE C 201 -2.03 2.73 -22.99
CB MSE C 201 1.19 3.06 -22.88
CG MSE C 201 2.29 2.98 -21.87
SE MSE C 201 3.47 4.51 -21.91
CE MSE C 201 4.41 4.21 -23.58
N ASP C 202 -1.06 1.96 -24.85
CA ASP C 202 -2.26 2.21 -25.68
C ASP C 202 -3.48 1.42 -25.20
N ARG C 203 -3.28 0.16 -24.86
CA ARG C 203 -4.39 -0.69 -24.37
CA ARG C 203 -4.41 -0.68 -24.39
C ARG C 203 -4.88 -0.28 -22.99
N LEU C 204 -3.93 -0.12 -22.06
CA LEU C 204 -4.30 0.25 -20.67
C LEU C 204 -4.91 1.64 -20.51
N THR C 205 -4.66 2.56 -21.45
CA THR C 205 -5.24 3.91 -21.38
C THR C 205 -6.45 4.11 -22.28
N LYS C 206 -6.96 3.05 -22.92
CA LYS C 206 -8.05 3.24 -23.90
C LYS C 206 -9.33 3.87 -23.33
N HIS C 207 -9.62 3.63 -22.04
CA HIS C 207 -10.79 4.21 -21.35
C HIS C 207 -10.44 5.23 -20.27
N CYS C 208 -9.21 5.77 -20.33
CA CYS C 208 -8.76 6.77 -19.36
C CYS C 208 -9.35 8.13 -19.71
N SER C 209 -9.59 8.93 -18.68
CA SER C 209 -10.05 10.30 -18.85
C SER C 209 -8.90 11.17 -19.36
N GLU C 210 -9.24 12.38 -19.81
CA GLU C 210 -8.21 13.30 -20.29
CA GLU C 210 -8.26 13.37 -20.27
C GLU C 210 -7.29 13.73 -19.13
N THR C 211 -7.82 13.86 -17.92
CA THR C 211 -7.03 14.18 -16.73
C THR C 211 -6.00 13.08 -16.45
N GLU C 212 -6.46 11.82 -16.49
CA GLU C 212 -5.58 10.67 -16.32
C GLU C 212 -4.49 10.63 -17.37
N LYS C 213 -4.87 10.82 -18.63
CA LYS C 213 -3.86 10.82 -19.72
C LYS C 213 -2.79 11.90 -19.56
N LYS C 214 -3.20 13.10 -19.13
CA LYS C 214 -2.26 14.20 -18.85
C LYS C 214 -1.25 13.79 -17.77
N GLU C 215 -1.72 13.15 -16.71
CA GLU C 215 -0.84 12.67 -15.62
CA GLU C 215 -0.85 12.65 -15.62
C GLU C 215 0.10 11.57 -16.11
N ILE C 216 -0.42 10.66 -16.93
CA ILE C 216 0.40 9.57 -17.49
C ILE C 216 1.47 10.16 -18.42
N LYS C 217 1.09 11.12 -19.27
CA LYS C 217 2.06 11.80 -20.14
C LYS C 217 3.17 12.50 -19.32
N GLU C 218 2.75 13.25 -18.29
CA GLU C 218 3.68 13.90 -17.36
CA GLU C 218 3.72 13.92 -17.40
C GLU C 218 4.66 12.88 -16.76
N ASN C 219 4.16 11.70 -16.34
CA ASN C 219 5.04 10.64 -15.78
C ASN C 219 6.13 10.24 -16.78
N PHE C 220 5.72 10.13 -18.05
CA PHE C 220 6.65 9.76 -19.13
C PHE C 220 7.71 10.86 -19.36
N LEU C 221 7.25 12.10 -19.49
CA LEU C 221 8.21 13.21 -19.67
C LEU C 221 9.17 13.36 -18.48
N GLN C 222 8.64 13.23 -17.26
CA GLN C 222 9.48 13.27 -16.04
C GLN C 222 10.51 12.18 -16.04
N SER C 223 10.11 10.96 -16.41
CA SER C 223 11.07 9.86 -16.48
C SER C 223 12.14 10.05 -17.57
N THR C 224 11.80 10.74 -18.65
CA THR C 224 12.77 11.05 -19.69
C THR C 224 13.84 11.98 -19.06
N ILE C 225 13.39 12.98 -18.30
CA ILE C 225 14.31 13.85 -17.54
C ILE C 225 15.08 13.06 -16.49
N HIS C 226 14.44 12.11 -15.83
CA HIS C 226 15.16 11.27 -14.88
C HIS C 226 16.30 10.48 -15.59
N GLU C 227 16.06 10.02 -16.82
CA GLU C 227 17.12 9.36 -17.61
C GLU C 227 18.25 10.35 -17.91
N ARG C 228 17.93 11.60 -18.21
CA ARG C 228 18.96 12.65 -18.38
C ARG C 228 19.85 12.75 -17.13
N HIS C 229 19.18 12.80 -15.97
CA HIS C 229 19.89 12.88 -14.68
C HIS C 229 20.58 11.58 -14.28
N PHE C 230 20.12 10.44 -14.78
CA PHE C 230 20.78 9.14 -14.50
C PHE C 230 22.19 9.14 -15.17
N PHE C 231 22.28 9.58 -16.41
CA PHE C 231 23.58 9.76 -17.03
C PHE C 231 24.40 10.85 -16.33
N ASN C 232 23.77 12.00 -16.08
CA ASN C 232 24.52 13.11 -15.50
C ASN C 232 25.00 12.84 -14.08
N MSE C 233 24.24 12.05 -13.29
CA MSE C 233 24.68 11.81 -11.90
C MSE C 233 26.01 11.03 -11.86
O MSE C 233 26.79 11.18 -10.91
CB MSE C 233 23.60 11.13 -11.07
CG MSE C 233 23.31 9.70 -11.43
SE MSE C 233 21.71 9.05 -10.65
CE MSE C 233 22.00 7.13 -10.99
N ALA C 234 26.22 10.17 -12.86
CA ALA C 234 27.49 9.46 -13.03
C ALA C 234 28.56 10.43 -13.48
N TYR C 235 28.22 11.29 -14.45
CA TYR C 235 29.11 12.27 -15.04
C TYR C 235 29.71 13.22 -14.01
N ILE C 236 28.89 13.66 -13.04
CA ILE C 236 29.35 14.63 -12.03
C ILE C 236 29.63 13.99 -10.67
N ASN C 237 29.46 12.68 -10.53
CA ASN C 237 29.65 11.96 -9.26
C ASN C 237 28.75 12.57 -8.15
N GLU C 238 27.47 12.71 -8.49
CA GLU C 238 26.49 13.34 -7.59
C GLU C 238 26.38 12.53 -6.30
N LYS C 239 26.32 13.25 -5.19
CA LYS C 239 26.22 12.66 -3.86
C LYS C 239 25.31 13.43 -2.97
N TRP C 240 24.74 12.70 -2.00
CA TRP C 240 24.02 13.31 -0.92
C TRP C 240 25.16 13.82 -0.04
N GLU C 241 25.20 15.12 0.11
CA GLU C 241 26.21 15.80 0.90
C GLU C 241 25.55 16.19 2.22
N TYR C 242 25.72 15.32 3.21
CA TYR C 242 25.12 15.49 4.51
C TYR C 242 25.90 16.41 5.46
N GLY C 243 27.14 16.77 5.12
CA GLY C 243 27.98 17.65 5.94
C GLY C 243 27.97 19.09 5.46
N GLY C 244 28.97 19.85 5.90
CA GLY C 244 29.12 21.26 5.52
C GLY C 244 29.61 21.52 4.09
N ASN C 245 28.75 22.14 3.26
CA ASN C 245 29.02 22.56 1.86
C ASN C 245 28.99 21.40 0.87
N MSE D 20 22.32 11.48 24.73
CA MSE D 20 21.58 12.15 23.62
C MSE D 20 20.49 11.22 23.01
O MSE D 20 20.79 10.11 22.56
CB MSE D 20 22.58 12.62 22.55
CG MSE D 20 21.99 13.39 21.36
SE MSE D 20 23.32 14.38 20.28
CE MSE D 20 23.99 15.59 21.67
N THR D 21 19.24 11.71 22.99
CA THR D 21 18.11 10.95 22.44
C THR D 21 18.23 10.85 20.90
N PHE D 22 17.48 9.92 20.31
CA PHE D 22 17.48 9.75 18.86
C PHE D 22 17.06 11.04 18.14
N SER D 23 15.93 11.64 18.55
CA SER D 23 15.45 12.89 17.92
C SER D 23 16.47 14.03 18.01
N LYS D 24 17.16 14.16 19.15
CA LYS D 24 18.20 15.20 19.32
C LYS D 24 19.43 14.91 18.43
N GLU D 25 19.79 13.63 18.30
CA GLU D 25 20.90 13.21 17.41
C GLU D 25 20.59 13.61 15.97
N LEU D 26 19.36 13.34 15.53
CA LEU D 26 18.93 13.73 14.18
C LEU D 26 19.04 15.25 13.97
N ARG D 27 18.48 16.03 14.91
CA ARG D 27 18.49 17.50 14.79
C ARG D 27 19.91 18.07 14.79
N GLU D 28 20.74 17.55 15.67
CA GLU D 28 22.15 17.95 15.72
C GLU D 28 22.86 17.66 14.39
N ALA D 29 22.61 16.47 13.83
CA ALA D 29 23.23 16.10 12.56
C ALA D 29 22.80 16.95 11.40
N SER D 30 21.58 17.50 11.45
CA SER D 30 21.06 18.35 10.41
C SER D 30 21.61 19.76 10.42
N ARG D 31 22.25 20.20 11.51
CA ARG D 31 22.72 21.58 11.63
C ARG D 31 23.63 22.12 10.51
N PRO D 32 24.63 21.34 10.07
CA PRO D 32 25.49 21.81 8.97
C PRO D 32 24.74 22.08 7.65
N ILE D 33 23.67 21.32 7.39
CA ILE D 33 22.82 21.54 6.23
C ILE D 33 22.02 22.83 6.46
N ILE D 34 21.51 23.05 7.68
CA ILE D 34 20.74 24.27 7.99
C ILE D 34 21.65 25.51 7.81
N ASP D 35 22.93 25.41 8.15
CA ASP D 35 23.88 26.49 7.94
C ASP D 35 24.01 26.82 6.45
N ASP D 36 24.07 25.79 5.61
CA ASP D 36 24.09 25.99 4.14
C ASP D 36 22.80 26.71 3.65
N ILE D 37 21.64 26.30 4.17
CA ILE D 37 20.34 26.94 3.85
C ILE D 37 20.38 28.42 4.23
N TYR D 38 20.85 28.69 5.44
CA TYR D 38 20.93 30.07 5.94
C TYR D 38 21.80 30.98 5.06
N ASN D 39 22.89 30.41 4.54
CA ASN D 39 23.83 31.14 3.67
C ASN D 39 23.51 31.13 2.18
N ASP D 40 22.42 30.46 1.80
CA ASP D 40 21.95 30.45 0.41
C ASP D 40 21.26 31.79 0.07
N GLY D 41 21.09 32.03 -1.22
CA GLY D 41 20.55 33.30 -1.69
C GLY D 41 19.14 33.63 -1.19
N PHE D 42 18.27 32.62 -1.05
CA PHE D 42 16.86 32.89 -0.63
C PHE D 42 16.85 33.54 0.78
N ILE D 43 17.44 32.87 1.76
CA ILE D 43 17.44 33.37 3.13
C ILE D 43 18.31 34.60 3.24
N GLN D 44 19.46 34.62 2.57
CA GLN D 44 20.31 35.83 2.64
C GLN D 44 19.62 37.09 2.10
N ASP D 45 18.97 36.97 0.95
CA ASP D 45 18.28 38.13 0.36
C ASP D 45 17.07 38.51 1.23
N LEU D 46 16.38 37.50 1.79
CA LEU D 46 15.22 37.75 2.67
C LEU D 46 15.66 38.47 3.92
N LEU D 47 16.77 38.05 4.53
CA LEU D 47 17.30 38.78 5.70
C LEU D 47 17.42 40.27 5.44
N ALA D 48 17.93 40.61 4.26
CA ALA D 48 18.16 41.99 3.88
C ALA D 48 16.92 42.74 3.41
N GLY D 49 15.76 42.08 3.32
CA GLY D 49 14.55 42.68 2.73
C GLY D 49 14.73 42.93 1.23
N LYS D 50 15.57 42.12 0.58
CA LYS D 50 15.92 42.26 -0.86
C LYS D 50 15.57 41.08 -1.77
N LEU D 51 14.87 40.10 -1.21
CA LEU D 51 14.40 38.96 -1.99
C LEU D 51 13.43 39.43 -3.07
N SER D 52 13.59 38.93 -4.29
CA SER D 52 12.75 39.36 -5.41
C SER D 52 11.31 38.96 -5.21
N ASN D 53 10.41 39.77 -5.76
CA ASN D 53 8.98 39.47 -5.68
C ASN D 53 8.68 38.12 -6.32
N GLN D 54 9.36 37.79 -7.43
CA GLN D 54 9.15 36.52 -8.11
C GLN D 54 9.50 35.34 -7.22
N ALA D 55 10.65 35.42 -6.56
CA ALA D 55 11.06 34.36 -5.63
C ALA D 55 10.01 34.19 -4.52
N VAL D 56 9.53 35.32 -3.97
CA VAL D 56 8.52 35.26 -2.89
C VAL D 56 7.23 34.59 -3.42
N ARG D 57 6.79 35.01 -4.59
CA ARG D 57 5.55 34.52 -5.16
C ARG D 57 5.60 33.03 -5.43
N GLN D 58 6.70 32.56 -6.02
CA GLN D 58 6.88 31.17 -6.32
C GLN D 58 6.99 30.33 -5.05
N TYR D 59 7.65 30.87 -4.04
CA TYR D 59 7.75 30.18 -2.76
C TYR D 59 6.38 30.03 -2.12
N LEU D 60 5.62 31.11 -2.06
CA LEU D 60 4.26 31.05 -1.46
C LEU D 60 3.36 30.09 -2.23
N ARG D 61 3.45 30.10 -3.56
CA ARG D 61 2.65 29.19 -4.37
C ARG D 61 3.00 27.75 -4.09
N ALA D 62 4.31 27.43 -4.06
CA ALA D 62 4.74 26.04 -3.77
C ALA D 62 4.37 25.64 -2.36
N ASP D 63 4.61 26.50 -1.38
CA ASP D 63 4.24 26.23 0.03
C ASP D 63 2.75 25.89 0.12
N ALA D 64 1.87 26.67 -0.51
CA ALA D 64 0.40 26.45 -0.42
C ALA D 64 -0.02 25.17 -1.12
N SER D 65 0.65 24.89 -2.25
CA SER D 65 0.40 23.70 -3.08
C SER D 65 0.76 22.44 -2.25
N TYR D 66 1.93 22.43 -1.61
CA TYR D 66 2.36 21.24 -0.84
C TYR D 66 1.70 21.09 0.52
N LEU D 67 1.47 22.19 1.24
CA LEU D 67 0.78 22.15 2.54
C LEU D 67 -0.54 21.37 2.39
N LYS D 68 -1.32 21.75 1.37
CA LYS D 68 -2.57 21.02 1.04
C LYS D 68 -2.32 19.53 0.72
N GLU D 69 -1.25 19.23 -0.01
CA GLU D 69 -0.91 17.79 -0.38
C GLU D 69 -0.48 16.93 0.83
N PHE D 70 0.18 17.54 1.81
CA PHE D 70 0.60 16.86 3.06
C PHE D 70 -0.57 16.28 3.85
N THR D 71 -1.78 16.80 3.62
CA THR D 71 -3.03 16.23 4.19
C THR D 71 -3.01 14.71 4.00
N ASN D 72 -2.67 14.26 2.79
CA ASN D 72 -2.65 12.82 2.46
C ASN D 72 -1.63 12.02 3.27
N ILE D 73 -0.47 12.61 3.52
CA ILE D 73 0.60 11.94 4.24
C ILE D 73 0.18 11.69 5.68
N TYR D 74 -0.31 12.75 6.32
CA TYR D 74 -0.84 12.57 7.69
C TYR D 74 -1.96 11.55 7.76
N ALA D 75 -2.91 11.58 6.82
CA ALA D 75 -4.02 10.64 6.79
C ALA D 75 -3.48 9.19 6.73
N MSE D 76 -2.48 8.99 5.88
CA MSE D 76 -1.85 7.69 5.70
C MSE D 76 -1.16 7.14 6.95
O MSE D 76 -1.01 5.91 7.07
CB MSE D 76 -0.89 7.73 4.51
CG MSE D 76 -1.64 7.86 3.22
SE MSE D 76 -0.39 8.23 1.78
CE MSE D 76 0.49 6.51 1.72
N LEU D 77 -0.72 8.02 7.84
CA LEU D 77 -0.08 7.58 9.07
C LEU D 77 -1.06 7.22 10.17
N ILE D 78 -2.34 7.61 10.06
CA ILE D 78 -3.33 7.31 11.13
C ILE D 78 -3.41 5.81 11.47
N PRO D 79 -3.51 4.94 10.44
CA PRO D 79 -3.54 3.50 10.76
C PRO D 79 -2.26 2.89 11.37
N LYS D 80 -1.12 3.57 11.23
CA LYS D 80 0.16 3.12 11.77
C LYS D 80 0.34 3.46 13.25
N MSE D 81 -0.51 4.32 13.81
CA MSE D 81 -0.37 4.77 15.19
C MSE D 81 -1.16 3.86 16.11
O MSE D 81 -2.34 3.66 15.90
CB MSE D 81 -0.86 6.20 15.34
CG MSE D 81 -0.10 7.19 14.52
SE MSE D 81 1.80 7.22 14.91
CE MSE D 81 2.31 8.79 13.92
N SER D 82 -0.47 3.30 17.10
CA SER D 82 -1.11 2.49 18.16
C SER D 82 -1.71 3.39 19.27
N SER D 83 -1.21 4.62 19.43
CA SER D 83 -1.69 5.55 20.45
C SER D 83 -2.79 6.48 19.93
N MSE D 84 -3.91 6.56 20.68
CA MSE D 84 -5.02 7.41 20.22
CA MSE D 84 -5.05 7.47 20.41
C MSE D 84 -4.61 8.93 20.30
O MSE D 84 -5.12 9.73 19.50
CB MSE D 84 -6.35 7.03 20.89
CB MSE D 84 -6.09 7.36 21.57
CG MSE D 84 -7.53 6.88 19.89
CG MSE D 84 -7.07 8.54 21.75
SE MSE D 84 -7.27 5.59 18.38
SE MSE D 84 -8.13 8.92 20.17
CE MSE D 84 -9.07 5.65 17.63
CE MSE D 84 -9.68 7.84 20.71
N GLU D 85 -3.68 9.29 21.17
CA GLU D 85 -3.19 10.67 21.27
C GLU D 85 -2.35 11.07 20.03
N ASP D 86 -1.61 10.08 19.49
CA ASP D 86 -0.88 10.29 18.23
C ASP D 86 -1.85 10.46 17.08
N VAL D 87 -2.99 9.74 17.08
CA VAL D 87 -4.01 9.93 16.04
C VAL D 87 -4.60 11.36 16.08
N LYS D 88 -4.88 11.84 17.30
CA LYS D 88 -5.39 13.23 17.49
C LYS D 88 -4.41 14.26 16.94
N PHE D 89 -3.11 14.05 17.21
CA PHE D 89 -2.04 14.90 16.65
C PHE D 89 -2.14 14.99 15.13
N LEU D 90 -2.24 13.82 14.48
CA LEU D 90 -2.33 13.74 13.03
C LEU D 90 -3.59 14.44 12.49
N VAL D 91 -4.74 14.24 13.17
CA VAL D 91 -6.00 14.90 12.76
C VAL D 91 -5.92 16.44 12.90
N GLU D 92 -5.27 16.87 13.95
CA GLU D 92 -5.03 18.33 14.15
C GLU D 92 -4.19 18.93 13.02
N GLN D 93 -3.17 18.19 12.58
CA GLN D 93 -2.30 18.65 11.50
C GLN D 93 -3.08 18.68 10.18
N ILE D 94 -3.93 17.69 9.94
CA ILE D 94 -4.79 17.66 8.74
C ILE D 94 -5.67 18.93 8.71
N GLU D 95 -6.27 19.25 9.84
CA GLU D 95 -7.13 20.44 9.92
C GLU D 95 -6.38 21.73 9.59
N PHE D 96 -5.13 21.79 10.02
CA PHE D 96 -4.28 22.93 9.75
C PHE D 96 -3.94 22.98 8.24
N MSE D 97 -3.60 21.85 7.64
CA MSE D 97 -3.33 21.81 6.19
C MSE D 97 -4.54 22.32 5.36
O MSE D 97 -4.38 23.06 4.37
CB MSE D 97 -2.98 20.38 5.69
CG MSE D 97 -1.70 19.71 6.21
SE MSE D 97 -0.17 20.85 6.34
CE MSE D 97 0.01 21.05 8.28
N LEU D 98 -5.74 21.93 5.81
CA LEU D 98 -6.99 22.27 5.13
C LEU D 98 -7.44 23.72 5.31
N GLU D 99 -7.49 24.21 6.57
CA GLU D 99 -8.04 25.54 6.88
C GLU D 99 -7.18 26.42 7.80
N GLY D 100 -5.91 26.05 7.99
CA GLY D 100 -5.02 26.81 8.88
C GLY D 100 -4.43 28.03 8.20
N GLU D 101 -4.08 29.01 9.02
CA GLU D 101 -3.44 30.25 8.53
C GLU D 101 -2.07 30.36 9.21
N VAL D 102 -1.08 30.87 8.45
CA VAL D 102 0.27 31.10 8.95
C VAL D 102 0.55 32.58 8.76
N GLU D 103 0.69 33.32 9.87
CA GLU D 103 0.94 34.77 9.81
C GLU D 103 2.15 35.12 8.91
N ALA D 104 3.18 34.25 8.89
CA ALA D 104 4.37 34.47 8.02
C ALA D 104 3.98 34.62 6.54
N HIS D 105 2.90 33.95 6.12
CA HIS D 105 2.38 34.14 4.73
C HIS D 105 1.96 35.56 4.44
N GLU D 106 1.24 36.14 5.40
CA GLU D 106 0.74 37.52 5.28
C GLU D 106 1.90 38.51 5.23
N VAL D 107 2.97 38.20 5.95
CA VAL D 107 4.15 39.04 5.97
C VAL D 107 4.75 39.14 4.57
N LEU D 108 4.97 37.98 3.94
CA LEU D 108 5.55 37.96 2.57
C LEU D 108 4.60 38.55 1.53
N ALA D 109 3.29 38.30 1.68
CA ALA D 109 2.29 38.91 0.80
C ALA D 109 2.34 40.45 0.88
N ASP D 110 2.43 40.99 2.10
CA ASP D 110 2.55 42.43 2.34
C ASP D 110 3.86 42.97 1.74
N PHE D 111 4.92 42.18 1.83
CA PHE D 111 6.23 42.57 1.29
C PHE D 111 6.16 42.81 -0.21
N ILE D 112 5.41 41.99 -0.92
CA ILE D 112 5.25 42.15 -2.40
C ILE D 112 3.99 42.93 -2.80
N ASN D 113 3.24 43.44 -1.81
CA ASN D 113 2.03 44.23 -2.01
CA ASN D 113 2.03 44.24 -2.02
C ASN D 113 0.95 43.52 -2.85
N GLU D 114 0.75 42.24 -2.54
CA GLU D 114 -0.27 41.44 -3.21
C GLU D 114 -1.05 40.67 -2.16
N PRO D 115 -2.38 40.48 -2.34
CA PRO D 115 -3.11 39.68 -1.38
C PRO D 115 -2.67 38.21 -1.40
N TYR D 116 -2.50 37.62 -0.23
CA TYR D 116 -2.07 36.24 -0.12
C TYR D 116 -2.95 35.27 -0.92
N GLU D 117 -4.27 35.40 -0.76
CA GLU D 117 -5.17 34.49 -1.47
C GLU D 117 -5.12 34.60 -3.00
N GLU D 118 -4.74 35.77 -3.54
CA GLU D 118 -4.60 35.94 -4.99
CA GLU D 118 -4.60 35.93 -5.00
C GLU D 118 -3.30 35.24 -5.42
N ILE D 119 -2.21 35.52 -4.68
CA ILE D 119 -0.89 34.91 -4.98
C ILE D 119 -0.95 33.41 -5.13
N VAL D 120 -1.62 32.73 -4.20
CA VAL D 120 -1.65 31.24 -4.19
C VAL D 120 -2.73 30.57 -5.04
N LYS D 121 -3.44 31.34 -5.88
CA LYS D 121 -4.40 30.71 -6.82
C LYS D 121 -3.69 29.74 -7.78
N GLU D 122 -2.53 30.15 -8.29
CA GLU D 122 -1.78 29.27 -9.18
CA GLU D 122 -1.73 29.33 -9.20
C GLU D 122 -0.97 28.27 -8.39
N LYS D 123 -1.19 26.99 -8.68
CA LYS D 123 -0.46 25.90 -8.03
C LYS D 123 0.90 25.81 -8.71
N VAL D 124 1.94 25.47 -7.95
CA VAL D 124 3.34 25.34 -8.45
C VAL D 124 3.93 24.05 -7.87
N TRP D 125 4.32 23.11 -8.75
CA TRP D 125 4.88 21.79 -8.36
C TRP D 125 6.27 21.59 -9.04
N PRO D 126 7.35 22.21 -8.50
CA PRO D 126 8.64 22.12 -9.21
C PRO D 126 9.31 20.75 -9.02
N PRO D 127 10.34 20.45 -9.84
CA PRO D 127 11.05 19.16 -9.73
C PRO D 127 11.52 18.82 -8.30
N SER D 128 12.10 19.81 -7.60
CA SER D 128 12.54 19.57 -6.22
C SER D 128 11.41 19.27 -5.26
N GLY D 129 10.25 19.88 -5.47
CA GLY D 129 9.05 19.58 -4.67
C GLY D 129 8.52 18.16 -4.95
N ASP D 130 8.53 17.76 -6.21
CA ASP D 130 8.16 16.41 -6.63
C ASP D 130 9.02 15.37 -5.87
N HIS D 131 10.33 15.62 -5.79
CA HIS D 131 11.23 14.70 -5.12
C HIS D 131 10.87 14.64 -3.64
N TYR D 132 10.65 15.80 -3.03
CA TYR D 132 10.34 15.85 -1.61
C TYR D 132 9.06 15.10 -1.25
N ILE D 133 7.98 15.39 -1.96
CA ILE D 133 6.70 14.76 -1.68
C ILE D 133 6.73 13.28 -1.97
N LYS D 134 7.44 12.88 -3.01
CA LYS D 134 7.56 11.44 -3.29
C LYS D 134 8.42 10.69 -2.26
N HIS D 135 9.37 11.39 -1.63
CA HIS D 135 10.12 10.85 -0.48
C HIS D 135 9.17 10.58 0.69
N MSE D 136 8.26 11.54 0.99
CA MSE D 136 7.26 11.32 2.05
C MSE D 136 6.30 10.16 1.69
O MSE D 136 6.04 9.26 2.51
CB MSE D 136 6.42 12.58 2.30
CG MSE D 136 7.21 13.67 2.81
SE MSE D 136 5.97 15.15 3.21
CE MSE D 136 7.36 16.16 3.79
N TYR D 137 5.78 10.16 0.46
CA TYR D 137 4.87 9.10 0.03
C TYR D 137 5.49 7.70 0.06
N PHE D 138 6.76 7.62 -0.35
CA PHE D 138 7.45 6.31 -0.37
C PHE D 138 7.43 5.72 1.05
N ASN D 139 7.83 6.53 2.02
CA ASN D 139 7.85 6.07 3.41
C ASN D 139 6.45 5.76 3.98
N ALA D 140 5.45 6.58 3.62
CA ALA D 140 4.08 6.35 4.10
C ALA D 140 3.51 5.06 3.52
N PHE D 141 3.80 4.77 2.25
CA PHE D 141 3.36 3.55 1.64
C PHE D 141 4.13 2.30 2.08
N ALA D 142 5.45 2.41 2.08
CA ALA D 142 6.34 1.26 2.21
C ALA D 142 6.71 0.82 3.58
N ARG D 143 6.75 1.76 4.53
CA ARG D 143 7.25 1.44 5.86
C ARG D 143 6.15 1.41 6.91
N GLU D 144 6.06 0.31 7.60
CA GLU D 144 5.05 0.07 8.62
C GLU D 144 5.13 1.01 9.81
N ASN D 145 6.34 1.25 10.29
CA ASN D 145 6.60 2.10 11.42
C ASN D 145 6.43 3.53 10.95
N ALA D 146 5.52 4.28 11.59
CA ALA D 146 5.30 5.69 11.20
C ALA D 146 6.55 6.54 11.32
N ALA D 147 7.56 6.12 12.09
CA ALA D 147 8.80 6.87 12.30
C ALA D 147 9.52 7.21 11.00
N PHE D 148 9.47 6.28 10.03
CA PHE D 148 10.11 6.52 8.76
C PHE D 148 9.57 7.75 8.04
N THR D 149 8.24 7.95 8.14
CA THR D 149 7.57 9.08 7.50
C THR D 149 7.65 10.31 8.37
N ILE D 150 7.49 10.17 9.68
CA ILE D 150 7.61 11.30 10.60
C ILE D 150 9.00 11.94 10.44
N ALA D 151 10.05 11.11 10.30
CA ALA D 151 11.42 11.63 10.10
C ALA D 151 11.57 12.41 8.77
N ALA D 152 10.80 12.03 7.76
CA ALA D 152 10.77 12.75 6.47
C ALA D 152 10.00 14.09 6.56
N MSE D 153 9.14 14.26 7.57
CA MSE D 153 8.33 15.50 7.75
C MSE D 153 8.92 16.44 8.82
O MSE D 153 8.78 17.65 8.68
CB MSE D 153 6.89 15.18 8.17
CG MSE D 153 6.12 14.26 7.20
SE MSE D 153 4.33 13.80 7.85
CE MSE D 153 3.38 15.14 6.75
N ALA D 154 9.61 15.89 9.82
CA ALA D 154 10.08 16.67 10.98
C ALA D 154 11.12 17.76 10.78
N PRO D 155 11.99 17.65 9.78
CA PRO D 155 13.00 18.70 9.67
C PRO D 155 12.44 20.10 9.47
N CYS D 156 11.36 20.23 8.72
CA CYS D 156 10.80 21.57 8.41
C CYS D 156 10.70 22.54 9.59
N PRO D 157 9.95 22.20 10.65
CA PRO D 157 9.86 23.18 11.74
C PRO D 157 11.21 23.49 12.38
N TYR D 158 12.10 22.51 12.50
CA TYR D 158 13.43 22.76 13.09
C TYR D 158 14.30 23.67 12.19
N VAL D 159 14.29 23.39 10.89
CA VAL D 159 14.99 24.24 9.89
C VAL D 159 14.57 25.68 10.07
N TYR D 160 13.24 25.89 10.08
CA TYR D 160 12.70 27.25 10.22
C TYR D 160 12.97 27.89 11.61
N ALA D 161 12.87 27.09 12.66
CA ALA D 161 13.19 27.58 14.01
C ALA D 161 14.64 28.04 14.10
N VAL D 162 15.56 27.25 13.56
CA VAL D 162 17.00 27.59 13.61
C VAL D 162 17.27 28.88 12.83
N ILE D 163 16.72 28.95 11.63
CA ILE D 163 16.85 30.14 10.80
C ILE D 163 16.29 31.38 11.48
N GLY D 164 15.08 31.28 12.04
CA GLY D 164 14.41 32.39 12.71
C GLY D 164 15.22 32.94 13.87
N LYS D 165 15.65 32.02 14.74
CA LYS D 165 16.44 32.40 15.90
C LYS D 165 17.79 33.04 15.52
N ARG D 166 18.46 32.46 14.53
CA ARG D 166 19.75 32.98 14.08
C ARG D 166 19.60 34.39 13.48
N ALA D 167 18.57 34.58 12.67
CA ALA D 167 18.30 35.86 12.01
C ALA D 167 18.13 36.99 12.98
N MSE D 168 17.54 36.70 14.13
CA MSE D 168 17.26 37.77 15.11
C MSE D 168 18.52 38.46 15.66
O MSE D 168 18.45 39.67 15.94
CB MSE D 168 16.35 37.31 16.23
CG MSE D 168 14.93 36.88 15.79
SE MSE D 168 14.06 37.91 14.42
CE MSE D 168 13.81 39.51 15.44
N GLU D 169 19.62 37.71 15.73
CA GLU D 169 20.93 38.20 16.23
CA GLU D 169 20.92 38.22 16.21
C GLU D 169 21.91 38.57 15.07
N ASP D 170 21.45 38.47 13.81
CA ASP D 170 22.34 38.69 12.65
C ASP D 170 22.40 40.19 12.30
N PRO D 171 23.62 40.76 12.13
CA PRO D 171 23.74 42.19 11.70
C PRO D 171 23.08 42.50 10.34
N LYS D 172 22.97 41.50 9.48
CA LYS D 172 22.33 41.65 8.16
C LYS D 172 20.80 41.75 8.23
N LEU D 173 20.18 41.38 9.36
CA LEU D 173 18.71 41.50 9.45
C LEU D 173 18.23 42.94 9.26
N ASN D 174 17.46 43.17 8.22
CA ASN D 174 16.88 44.49 7.94
C ASN D 174 15.61 44.62 8.79
N LYS D 175 15.72 45.31 9.92
CA LYS D 175 14.57 45.54 10.81
C LYS D 175 13.56 46.57 10.31
N GLU D 176 13.94 47.35 9.31
CA GLU D 176 13.04 48.35 8.71
C GLU D 176 12.10 47.71 7.65
N SER D 177 12.38 46.47 7.25
CA SER D 177 11.54 45.78 6.28
C SER D 177 10.57 44.90 7.03
N VAL D 178 9.36 44.73 6.48
CA VAL D 178 8.36 43.85 7.10
CA VAL D 178 8.34 43.87 7.04
C VAL D 178 8.82 42.40 7.13
N THR D 179 9.78 42.03 6.27
CA THR D 179 10.38 40.69 6.23
C THR D 179 11.03 40.30 7.55
N SER D 180 11.46 41.25 8.38
CA SER D 180 11.99 40.91 9.72
C SER D 180 10.93 40.16 10.57
N LYS D 181 9.64 40.42 10.34
CA LYS D 181 8.54 39.72 11.03
C LYS D 181 8.41 38.24 10.65
N TRP D 182 8.85 37.88 9.44
CA TRP D 182 8.87 36.48 8.99
C TRP D 182 9.86 35.70 9.86
N PHE D 183 11.07 36.22 9.99
CA PHE D 183 12.07 35.63 10.89
C PHE D 183 11.61 35.61 12.34
N GLN D 184 11.00 36.69 12.81
CA GLN D 184 10.48 36.77 14.19
CA GLN D 184 10.52 36.76 14.19
C GLN D 184 9.48 35.65 14.44
N PHE D 185 8.56 35.48 13.49
CA PHE D 185 7.54 34.43 13.56
C PHE D 185 8.16 33.04 13.75
N TYR D 186 9.09 32.70 12.85
CA TYR D 186 9.75 31.41 12.92
C TYR D 186 10.67 31.24 14.13
N SER D 187 11.14 32.32 14.72
CA SER D 187 11.99 32.22 15.93
C SER D 187 11.25 31.69 17.16
N THR D 188 9.93 31.82 17.20
CA THR D 188 9.12 31.33 18.36
C THR D 188 8.04 30.30 18.04
N GLU D 189 7.46 30.35 16.83
CA GLU D 189 6.23 29.58 16.58
C GLU D 189 6.37 28.14 16.17
N MSE D 190 7.61 27.66 16.02
CA MSE D 190 7.87 26.28 15.66
C MSE D 190 8.28 25.37 16.82
O MSE D 190 8.27 24.15 16.64
CB MSE D 190 9.04 26.18 14.66
CG MSE D 190 8.96 26.96 13.38
SE MSE D 190 7.58 26.31 12.25
CE MSE D 190 6.14 27.55 12.66
N ASP D 191 8.71 25.96 17.93
CA ASP D 191 9.32 25.15 19.02
C ASP D 191 8.47 24.02 19.60
N GLU D 192 7.18 24.29 19.80
N GLU D 192 7.18 24.28 19.82
CA GLU D 192 6.26 23.24 20.31
CA GLU D 192 6.31 23.21 20.36
C GLU D 192 6.15 22.06 19.34
C GLU D 192 6.13 22.05 19.36
N LEU D 193 6.01 22.35 18.05
CA LEU D 193 5.89 21.29 17.03
C LEU D 193 7.20 20.47 16.93
N VAL D 194 8.35 21.14 17.08
CA VAL D 194 9.65 20.45 17.08
C VAL D 194 9.67 19.47 18.25
N ASP D 195 9.21 19.92 19.41
CA ASP D 195 9.14 19.04 20.60
C ASP D 195 8.15 17.87 20.38
N VAL D 196 6.97 18.15 19.82
CA VAL D 196 5.95 17.12 19.55
C VAL D 196 6.56 16.04 18.63
N PHE D 197 7.25 16.47 17.54
CA PHE D 197 7.97 15.54 16.66
C PHE D 197 9.11 14.78 17.35
N ASP D 198 9.86 15.44 18.23
CA ASP D 198 10.93 14.76 18.99
C ASP D 198 10.38 13.58 19.81
N GLN D 199 9.31 13.84 20.55
CA GLN D 199 8.70 12.84 21.45
C GLN D 199 8.09 11.72 20.63
N LEU D 200 7.47 12.08 19.50
CA LEU D 200 6.87 11.10 18.59
C LEU D 200 7.96 10.20 18.02
N MSE D 201 9.07 10.77 17.51
CA MSE D 201 10.20 9.95 17.00
C MSE D 201 10.86 9.07 18.05
O MSE D 201 11.12 7.89 17.79
CB MSE D 201 11.26 10.80 16.27
CG MSE D 201 10.77 11.40 15.00
SE MSE D 201 12.18 12.25 13.91
CE MSE D 201 12.55 13.84 14.98
N ASP D 202 11.13 9.64 19.23
CA ASP D 202 11.74 8.85 20.32
C ASP D 202 10.88 7.64 20.74
N ARG D 203 9.56 7.86 20.85
CA ARG D 203 8.65 6.77 21.24
CA ARG D 203 8.57 6.81 21.19
C ARG D 203 8.52 5.74 20.11
N LEU D 204 8.31 6.19 18.87
CA LEU D 204 8.18 5.27 17.71
C LEU D 204 9.43 4.42 17.41
N THR D 205 10.61 4.92 17.76
CA THR D 205 11.88 4.25 17.50
C THR D 205 12.46 3.51 18.69
N LYS D 206 11.75 3.50 19.83
CA LYS D 206 12.22 2.84 21.06
C LYS D 206 12.71 1.42 20.81
N HIS D 207 12.01 0.66 19.96
CA HIS D 207 12.39 -0.74 19.69
C HIS D 207 12.94 -0.99 18.27
N CYS D 208 13.35 0.07 17.55
CA CYS D 208 13.91 -0.12 16.20
C CYS D 208 15.33 -0.66 16.24
N SER D 209 15.70 -1.39 15.19
CA SER D 209 17.07 -1.91 15.01
C SER D 209 18.01 -0.78 14.58
N GLU D 210 19.32 -1.07 14.59
CA GLU D 210 20.32 -0.08 14.14
C GLU D 210 20.19 0.25 12.67
N THR D 211 19.93 -0.77 11.85
CA THR D 211 19.69 -0.62 10.41
C THR D 211 18.47 0.31 10.18
N GLU D 212 17.38 0.09 10.93
CA GLU D 212 16.18 0.94 10.84
C GLU D 212 16.50 2.38 11.24
N LYS D 213 17.23 2.54 12.34
CA LYS D 213 17.62 3.89 12.82
C LYS D 213 18.46 4.64 11.80
N LYS D 214 19.42 3.96 11.17
CA LYS D 214 20.24 4.57 10.12
C LYS D 214 19.37 5.08 8.96
N GLU D 215 18.40 4.27 8.54
CA GLU D 215 17.50 4.63 7.44
C GLU D 215 16.59 5.80 7.82
N ILE D 216 16.11 5.79 9.07
CA ILE D 216 15.27 6.86 9.58
C ILE D 216 16.08 8.16 9.66
N LYS D 217 17.32 8.07 10.15
CA LYS D 217 18.23 9.24 10.21
C LYS D 217 18.47 9.81 8.79
N GLU D 218 18.68 8.90 7.84
CA GLU D 218 18.89 9.32 6.43
C GLU D 218 17.68 10.02 5.89
N ASN D 219 16.47 9.55 6.24
CA ASN D 219 15.24 10.24 5.81
C ASN D 219 15.21 11.68 6.31
N PHE D 220 15.66 11.87 7.54
CA PHE D 220 15.68 13.19 8.22
C PHE D 220 16.68 14.11 7.53
N LEU D 221 17.89 13.62 7.30
CA LEU D 221 18.90 14.43 6.62
C LEU D 221 18.51 14.77 5.19
N GLN D 222 17.95 13.79 4.50
CA GLN D 222 17.43 14.04 3.13
C GLN D 222 16.36 15.12 3.11
N SER D 223 15.39 15.03 4.02
CA SER D 223 14.32 16.04 4.10
C SER D 223 14.84 17.45 4.52
N THR D 224 15.95 17.49 5.26
CA THR D 224 16.60 18.81 5.59
C THR D 224 17.14 19.41 4.24
N ILE D 225 17.78 18.55 3.44
CA ILE D 225 18.23 18.90 2.07
C ILE D 225 17.02 19.26 1.18
N HIS D 226 15.93 18.50 1.26
CA HIS D 226 14.72 18.88 0.53
C HIS D 226 14.24 20.29 0.91
N GLU D 227 14.32 20.62 2.21
CA GLU D 227 13.97 21.99 2.66
C GLU D 227 14.91 23.04 2.06
N ARG D 228 16.20 22.72 1.97
CA ARG D 228 17.16 23.60 1.28
C ARG D 228 16.74 23.85 -0.17
N HIS D 229 16.38 22.76 -0.85
CA HIS D 229 15.86 22.87 -2.21
C HIS D 229 14.51 23.52 -2.33
N PHE D 230 13.68 23.44 -1.30
CA PHE D 230 12.35 24.07 -1.32
C PHE D 230 12.54 25.60 -1.42
N PHE D 231 13.45 26.16 -0.62
CA PHE D 231 13.76 27.57 -0.75
C PHE D 231 14.42 27.88 -2.10
N ASN D 232 15.42 27.09 -2.46
CA ASN D 232 16.17 27.42 -3.66
C ASN D 232 15.41 27.24 -4.97
N MSE D 233 14.42 26.33 -4.99
CA MSE D 233 13.61 26.13 -6.22
C MSE D 233 12.76 27.37 -6.51
O MSE D 233 12.48 27.64 -7.69
CB MSE D 233 12.70 24.90 -6.14
CG MSE D 233 11.52 25.00 -5.16
SE MSE D 233 10.71 23.26 -4.90
CE MSE D 233 9.03 23.87 -4.05
N ALA D 234 12.38 28.11 -5.47
CA ALA D 234 11.69 29.39 -5.63
C ALA D 234 12.71 30.43 -6.10
N TYR D 235 13.87 30.42 -5.46
CA TYR D 235 14.96 31.37 -5.75
C TYR D 235 15.43 31.35 -7.20
N ILE D 236 15.53 30.16 -7.79
CA ILE D 236 16.00 30.00 -9.18
C ILE D 236 14.87 29.74 -10.18
N ASN D 237 13.61 29.75 -9.72
CA ASN D 237 12.44 29.48 -10.56
C ASN D 237 12.58 28.14 -11.31
N GLU D 238 12.92 27.11 -10.53
CA GLU D 238 13.13 25.77 -11.04
C GLU D 238 11.86 25.20 -11.70
N LYS D 239 12.03 24.67 -12.90
CA LYS D 239 10.94 24.08 -13.67
C LYS D 239 11.36 22.76 -14.30
N TRP D 240 10.38 21.89 -14.56
CA TRP D 240 10.62 20.70 -15.35
C TRP D 240 10.85 21.24 -16.75
N GLU D 241 12.00 20.99 -17.34
CA GLU D 241 12.32 21.55 -18.65
C GLU D 241 11.89 20.54 -19.71
N TYR D 242 10.59 20.49 -19.96
CA TYR D 242 10.01 19.54 -20.95
C TYR D 242 10.28 19.94 -22.41
N GLY D 243 10.32 21.24 -22.67
CA GLY D 243 10.53 21.78 -24.02
C GLY D 243 11.94 21.77 -24.60
N GLY D 244 12.94 21.34 -23.85
CA GLY D 244 14.30 21.26 -24.38
C GLY D 244 15.12 22.55 -24.58
N ASN D 245 16.27 22.39 -25.27
CA ASN D 245 17.34 23.42 -25.39
C ASN D 245 17.76 23.81 -23.95
N ASN D 246 18.27 22.79 -23.24
CA ASN D 246 18.69 22.79 -21.82
C ASN D 246 17.60 23.23 -20.85
N1 IMD E . -6.59 -24.13 -2.09
C2 IMD E . -5.52 -24.37 -1.31
N3 IMD E . -5.72 -23.75 -0.16
C4 IMD E . -6.91 -23.09 -0.19
C5 IMD E . -7.44 -23.33 -1.43
C ACT F . -2.84 -18.77 -11.84
O ACT F . -2.01 -17.83 -12.00
OXT ACT F . -3.89 -18.68 -12.52
CH3 ACT F . -2.62 -19.92 -10.89
C ACT G . -2.71 -1.63 9.86
O ACT G . -3.53 -2.24 10.60
OXT ACT G . -1.51 -1.61 10.24
CH3 ACT G . -3.15 -0.98 8.58
N1 IMD H . -21.26 -2.38 13.05
C2 IMD H . -21.02 -1.81 14.24
N3 IMD H . -20.11 -2.54 14.88
C4 IMD H . -19.79 -3.59 14.08
C5 IMD H . -20.51 -3.48 12.93
C1 MPD I . -6.64 -9.10 -8.41
C2 MPD I . -7.44 -8.39 -7.33
O2 MPD I . -8.25 -7.34 -7.93
CM MPD I . -8.39 -9.42 -6.73
C3 MPD I . -6.51 -7.78 -6.28
C4 MPD I . -5.60 -6.65 -6.74
O4 MPD I . -6.42 -5.55 -7.03
C5 MPD I . -4.58 -6.31 -5.64
C1 MPD J . -20.01 3.14 12.64
C2 MPD J . -20.90 4.25 13.22
O2 MPD J . -20.12 5.00 14.16
CM MPD J . -21.25 5.18 12.06
C3 MPD J . -22.19 3.74 13.91
C4 MPD J . -22.09 2.67 15.03
O4 MPD J . -22.65 3.11 16.27
C5 MPD J . -22.86 1.41 14.67
N1 IMD K . 17.91 3.55 -16.52
C2 IMD K . 17.78 2.35 -15.92
N3 IMD K . 19.00 1.80 -15.83
C4 IMD K . 19.88 2.61 -16.41
C5 IMD K . 19.19 3.72 -16.82
C1 MRD L . 0.65 -2.40 -6.09
C2 MRD L . 0.39 -3.78 -5.47
O2 MRD L . 1.34 -4.76 -5.94
CM MRD L . -1.00 -4.38 -5.80
C3 MRD L . 0.57 -3.63 -3.94
C4 MRD L . 1.99 -3.52 -3.40
O4 MRD L . 2.76 -4.68 -3.62
C5 MRD L . 1.99 -3.37 -1.87
C1 MRD M . 12.48 -3.13 1.72
C2 MRD M . 11.08 -2.61 2.06
O2 MRD M . 10.36 -3.70 2.69
CM MRD M . 11.24 -1.48 3.08
C3 MRD M . 10.22 -2.13 0.87
C4 MRD M . 10.95 -1.80 -0.45
O4 MRD M . 11.96 -0.83 -0.25
C5 MRD M . 9.97 -1.30 -1.49
C1 MPD N . 18.88 16.94 -6.22
C2 MPD N . 17.59 16.35 -6.80
O2 MPD N . 16.69 16.41 -5.67
CM MPD N . 17.92 14.91 -7.17
C3 MPD N . 17.22 17.21 -8.02
C4 MPD N . 16.11 16.92 -9.08
O4 MPD N . 15.77 15.57 -9.34
C5 MPD N . 14.84 17.69 -8.75
C1 MPD O . 21.66 19.68 -11.08
C2 MPD O . 21.04 18.37 -11.55
O2 MPD O . 20.70 18.54 -12.97
CM MPD O . 19.75 17.98 -10.83
C3 MPD O . 22.09 17.27 -11.38
C4 MPD O . 21.75 15.96 -12.10
O4 MPD O . 21.81 16.18 -13.49
C5 MPD O . 22.73 14.85 -11.71
C ACT P . -2.66 10.21 -4.62
O ACT P . -2.39 11.10 -5.48
OXT ACT P . -3.54 9.39 -4.98
CH3 ACT P . -1.97 10.11 -3.30
S SO4 Q . 13.50 -0.69 -17.42
O1 SO4 Q . 13.20 -2.09 -17.13
O2 SO4 Q . 12.35 -0.02 -18.02
O3 SO4 Q . 13.87 0.01 -16.18
O4 SO4 Q . 14.60 -0.69 -18.37
N1 IMD R . 6.48 24.61 3.05
C2 IMD R . 7.77 24.83 3.27
N3 IMD R . 8.39 23.65 3.46
C4 IMD R . 7.46 22.69 3.38
C5 IMD R . 6.24 23.29 3.10
C1 MRD S . 4.70 25.38 6.75
C2 MRD S . 5.62 26.23 7.63
O2 MRD S . 5.11 27.57 7.73
CM MRD S . 7.02 26.30 7.00
C3 MRD S . 5.65 25.61 9.02
C4 MRD S . 4.27 25.60 9.77
O4 MRD S . 3.76 26.91 10.03
C5 MRD S . 4.33 24.82 11.08
C1 MPD T . 20.56 22.13 -6.28
C2 MPD T . 19.60 21.87 -7.43
O2 MPD T . 19.02 20.55 -7.20
CM MPD T . 20.38 21.90 -8.72
C3 MPD T . 18.43 22.86 -7.60
C4 MPD T . 17.60 23.04 -6.30
O4 MPD T . 18.34 23.66 -5.27
C5 MPD T . 16.33 23.85 -6.50
C1 MPD U . -1.95 2.03 5.75
C2 MPD U . -1.54 3.20 4.84
O2 MPD U . -2.39 4.31 5.21
CM MPD U . -0.11 3.60 5.15
C3 MPD U . -1.60 2.95 3.31
C4 MPD U . -2.86 3.40 2.56
O4 MPD U . -3.29 4.70 2.84
C5 MPD U . -2.66 3.34 1.05
C1 MPD V . 5.27 18.29 6.76
C2 MPD V . 5.93 19.64 7.07
O2 MPD V . 6.66 19.54 8.33
CM MPD V . 6.86 19.87 5.88
C3 MPD V . 4.95 20.81 7.14
C4 MPD V . 4.10 20.90 8.43
O4 MPD V . 4.88 20.75 9.59
C5 MPD V . 3.41 22.27 8.52
C ACT W . 22.45 22.65 -3.03
O ACT W . 22.38 21.43 -2.71
OXT ACT W . 21.36 23.29 -2.95
CH3 ACT W . 23.75 23.29 -3.48
C ACT X . 1.85 13.61 -6.71
O ACT X . 2.67 12.89 -6.10
OXT ACT X . 1.37 14.55 -6.03
CH3 ACT X . 1.47 13.39 -8.15
C ACT Y . 11.12 42.78 -7.34
O ACT Y . 11.92 41.84 -7.40
OXT ACT Y . 11.01 43.22 -6.20
CH3 ACT Y . 10.36 43.33 -8.53
#